data_6RFW
#
_entry.id   6RFW
#
_cell.length_a   113.716
_cell.length_b   116.553
_cell.length_c   68.525
_cell.angle_alpha   90.00
_cell.angle_beta   108.17
_cell.angle_gamma   90.00
#
_symmetry.space_group_name_H-M   'C 1 2 1'
#
loop_
_entity.id
_entity.type
_entity.pdbx_description
1 polymer Phosphodiesterase
2 non-polymer 'ZINC ION'
3 non-polymer 'MAGNESIUM ION'
4 non-polymer 'FORMIC ACID'
5 non-polymer GUANIDINE
6 non-polymer GLYCEROL
7 non-polymer 3-[5-[(4~{a}~{R},8~{a}~{S})-4-oxidanylidene-3-propan-2-yl-4~{a},5,8,8~{a}-tetrahydrophthalazin-1-yl]-2-methoxy-phenyl]-~{N}-[2-(2-fluorophenyl)ethyl]prop-2-ynamide
8 water water
#
_entity_poly.entity_id   1
_entity_poly.type   'polypeptide(L)'
_entity_poly.pdbx_seq_one_letter_code
;GSHMASELNEHRATLFNKNVPSRAVKRVTAITKVEREAVLVCELPSFDVTDVEFDLFRARESTDKPLDVAAAIAYRLLLG
SGLPQKFGCSDEVLLNFILQCRKKYRNVPYHNFYHVVDVCQTIHTFLYRGNVYEKLTELECFVLLITALVHDLDHMGLNN
SFYLKTESPLGILSSASGNTSVLEVHHCNLAVEILSDPESDVFDGLEGAERTLAFRSMIDCVLATDMAKHGSALEAFLAS
AADQSSDEAAFHRMTMEIILKAGDISNVTKPFDISRQWAMAVTEEFYRQGDMEKERGVEVLPMFDRSKNMELAKGQIGFI
DFVAAPFFQKIVDACLQGMQWTVDRIKSNRAQWERVLETR
;
_entity_poly.pdbx_strand_id   A,B
#
# COMPACT_ATOMS: atom_id res chain seq x y z
N VAL A 28 0.34 -22.19 39.02
CA VAL A 28 1.27 -21.84 37.90
C VAL A 28 2.70 -22.22 38.29
N THR A 29 3.27 -23.18 37.57
CA THR A 29 4.66 -23.63 37.84
C THR A 29 5.63 -22.59 37.25
N ALA A 30 6.86 -22.53 37.76
CA ALA A 30 7.81 -21.47 37.33
C ALA A 30 8.42 -21.75 35.96
N ILE A 31 9.03 -20.71 35.40
CA ILE A 31 9.71 -20.79 34.07
C ILE A 31 11.12 -21.33 34.31
N THR A 32 11.61 -22.15 33.38
CA THR A 32 12.91 -22.85 33.48
C THR A 32 13.96 -22.14 32.64
N LYS A 33 15.24 -22.35 33.00
CA LYS A 33 16.45 -21.97 32.25
C LYS A 33 16.34 -22.49 30.80
N VAL A 34 15.75 -23.67 30.61
CA VAL A 34 15.54 -24.28 29.26
C VAL A 34 14.71 -23.31 28.42
N GLU A 35 13.62 -22.81 29.00
CA GLU A 35 12.58 -22.01 28.29
C GLU A 35 13.14 -20.63 27.95
N ARG A 36 13.73 -19.93 28.92
CA ARG A 36 14.38 -18.61 28.69
C ARG A 36 15.43 -18.71 27.57
N GLU A 37 16.32 -19.70 27.62
CA GLU A 37 17.37 -19.94 26.57
C GLU A 37 16.69 -20.11 25.21
N ALA A 38 15.63 -20.92 25.15
CA ALA A 38 14.84 -21.19 23.92
C ALA A 38 14.49 -19.87 23.22
N VAL A 39 14.22 -18.81 24.00
CA VAL A 39 13.81 -17.46 23.47
C VAL A 39 15.06 -16.60 23.25
N LEU A 40 15.96 -16.56 24.24
CA LEU A 40 17.10 -15.60 24.27
C LEU A 40 18.03 -15.82 23.07
N VAL A 41 18.09 -17.02 22.50
CA VAL A 41 19.02 -17.40 21.38
C VAL A 41 18.47 -16.93 20.02
N CYS A 42 17.22 -16.45 19.93
CA CYS A 42 16.58 -16.02 18.64
C CYS A 42 17.00 -14.58 18.31
N GLU A 43 17.46 -14.31 17.08
CA GLU A 43 18.18 -13.05 16.77
C GLU A 43 17.48 -12.24 15.68
N LEU A 44 16.31 -12.66 15.21
CA LEU A 44 15.40 -11.83 14.37
C LEU A 44 16.21 -11.11 13.29
N PRO A 45 16.69 -11.87 12.28
CA PRO A 45 17.52 -11.29 11.22
C PRO A 45 16.65 -10.66 10.12
N SER A 46 16.96 -9.38 9.82
CA SER A 46 16.25 -8.52 8.82
C SER A 46 14.81 -8.29 9.27
N PHE A 47 14.64 -7.78 10.50
CA PHE A 47 13.30 -7.51 11.08
C PHE A 47 13.36 -6.32 12.05
N ASP A 48 12.69 -5.22 11.70
CA ASP A 48 12.62 -4.00 12.55
C ASP A 48 11.30 -4.07 13.33
N VAL A 49 11.35 -4.62 14.54
CA VAL A 49 10.13 -4.81 15.39
C VAL A 49 9.49 -3.46 15.68
N THR A 50 10.21 -2.35 15.56
CA THR A 50 9.67 -1.02 15.93
C THR A 50 8.97 -0.39 14.73
N ASP A 51 8.94 -1.03 13.56
CA ASP A 51 8.51 -0.40 12.28
C ASP A 51 7.04 -0.75 12.06
N VAL A 52 6.28 0.16 11.45
CA VAL A 52 4.82 0.02 11.21
C VAL A 52 4.57 -1.03 10.12
N GLU A 53 5.60 -1.41 9.36
CA GLU A 53 5.48 -2.42 8.29
C GLU A 53 6.06 -3.74 8.75
N PHE A 54 6.52 -3.82 10.00
CA PHE A 54 7.09 -5.08 10.55
C PHE A 54 6.11 -6.23 10.35
N ASP A 55 6.49 -7.20 9.50
CA ASP A 55 5.62 -8.37 9.22
C ASP A 55 5.85 -9.44 10.29
N LEU A 56 4.77 -9.93 10.91
CA LEU A 56 4.87 -10.99 11.95
C LEU A 56 4.55 -12.35 11.35
N PHE A 57 3.84 -12.36 10.21
CA PHE A 57 3.47 -13.63 9.51
C PHE A 57 4.71 -14.22 8.85
N ARG A 58 5.58 -13.37 8.31
CA ARG A 58 6.83 -13.82 7.64
C ARG A 58 7.88 -14.14 8.70
N ALA A 59 7.71 -13.60 9.91
CA ALA A 59 8.66 -13.84 11.02
C ALA A 59 8.37 -15.21 11.66
N ARG A 60 7.15 -15.72 11.46
CA ARG A 60 6.74 -17.04 12.03
C ARG A 60 7.11 -18.14 11.02
N GLU A 61 7.51 -17.74 9.81
CA GLU A 61 7.89 -18.71 8.74
C GLU A 61 9.41 -18.65 8.54
N SER A 62 10.12 -18.02 9.47
CA SER A 62 11.60 -17.89 9.38
C SER A 62 12.26 -18.78 10.44
N THR A 63 11.45 -19.57 11.15
CA THR A 63 11.96 -20.49 12.21
C THR A 63 10.96 -21.63 12.42
N ASP A 64 11.42 -22.78 12.88
CA ASP A 64 10.50 -23.92 13.10
C ASP A 64 9.97 -23.85 14.54
N LYS A 65 10.22 -22.72 15.22
CA LYS A 65 9.73 -22.47 16.60
C LYS A 65 9.09 -21.09 16.61
N PRO A 66 7.94 -20.91 15.95
CA PRO A 66 7.29 -19.61 15.88
C PRO A 66 6.95 -19.03 17.26
N LEU A 67 6.66 -19.88 18.24
CA LEU A 67 6.37 -19.38 19.59
C LEU A 67 7.62 -18.73 20.18
N ASP A 68 8.78 -19.39 20.07
CA ASP A 68 10.04 -18.83 20.64
C ASP A 68 10.37 -17.48 20.00
N VAL A 69 10.17 -17.35 18.69
CA VAL A 69 10.32 -16.08 17.92
C VAL A 69 9.41 -14.99 18.52
N ALA A 70 8.12 -15.27 18.66
CA ALA A 70 7.08 -14.33 19.14
C ALA A 70 7.49 -13.77 20.51
N ALA A 71 7.85 -14.65 21.46
CA ALA A 71 8.33 -14.29 22.81
C ALA A 71 9.49 -13.30 22.70
N ALA A 72 10.40 -13.54 21.75
CA ALA A 72 11.63 -12.74 21.52
C ALA A 72 11.23 -11.35 21.00
N ILE A 73 10.28 -11.31 20.07
CA ILE A 73 9.73 -10.01 19.57
C ILE A 73 9.22 -9.23 20.80
N ALA A 74 8.40 -9.88 21.64
CA ALA A 74 7.79 -9.27 22.84
C ALA A 74 8.90 -8.79 23.77
N TYR A 75 9.85 -9.67 24.09
CA TYR A 75 11.05 -9.36 24.92
C TYR A 75 11.77 -8.12 24.36
N ARG A 76 12.07 -8.12 23.07
CA ARG A 76 12.91 -7.06 22.48
C ARG A 76 12.14 -5.75 22.55
N LEU A 77 10.86 -5.81 22.14
CA LEU A 77 9.92 -4.68 22.24
C LEU A 77 9.99 -4.11 23.66
N LEU A 78 9.84 -4.97 24.67
CA LEU A 78 9.74 -4.48 26.07
C LEU A 78 11.08 -3.88 26.54
N LEU A 79 12.22 -4.52 26.28
CA LEU A 79 13.55 -3.96 26.66
C LEU A 79 13.87 -2.66 25.92
N GLY A 80 13.70 -2.63 24.60
CA GLY A 80 14.07 -1.49 23.74
C GLY A 80 13.29 -0.21 24.02
N SER A 81 12.10 -0.32 24.63
CA SER A 81 11.30 0.81 25.18
C SER A 81 12.09 1.52 26.29
N GLY A 82 12.94 0.74 26.99
CA GLY A 82 13.72 1.19 28.15
C GLY A 82 12.85 1.31 29.39
N LEU A 83 11.63 0.75 29.38
CA LEU A 83 10.65 0.96 30.49
C LEU A 83 10.86 -0.08 31.59
N PRO A 84 10.95 -1.39 31.32
CA PRO A 84 11.04 -2.36 32.42
C PRO A 84 12.11 -1.98 33.46
N GLN A 85 13.31 -1.65 33.00
CA GLN A 85 14.50 -1.33 33.82
C GLN A 85 14.19 -0.17 34.79
N LYS A 86 13.58 0.91 34.27
CA LYS A 86 13.12 2.07 35.07
C LYS A 86 12.15 1.62 36.20
N PHE A 87 11.39 0.53 36.03
CA PHE A 87 10.39 0.14 37.06
C PHE A 87 10.86 -1.13 37.78
N GLY A 88 12.18 -1.30 37.91
CA GLY A 88 12.81 -2.40 38.66
C GLY A 88 12.34 -3.76 38.20
N CYS A 89 12.00 -3.87 36.94
CA CYS A 89 11.62 -5.18 36.35
C CYS A 89 12.84 -5.67 35.59
N SER A 90 13.50 -6.66 36.15
CA SER A 90 14.68 -7.36 35.59
C SER A 90 14.34 -7.93 34.21
N ASP A 91 15.38 -8.16 33.40
CA ASP A 91 15.28 -8.93 32.13
C ASP A 91 14.70 -10.32 32.42
N GLU A 92 15.06 -10.95 33.53
CA GLU A 92 14.66 -12.35 33.84
C GLU A 92 13.15 -12.40 34.17
N VAL A 93 12.69 -11.52 35.05
CA VAL A 93 11.25 -11.45 35.45
C VAL A 93 10.44 -11.21 34.18
N LEU A 94 10.85 -10.22 33.38
CA LEU A 94 10.13 -9.80 32.15
C LEU A 94 9.91 -11.02 31.25
N LEU A 95 10.88 -11.90 31.14
CA LEU A 95 10.84 -13.05 30.20
C LEU A 95 10.03 -14.16 30.86
N ASN A 96 10.12 -14.28 32.19
CA ASN A 96 9.26 -15.23 32.94
C ASN A 96 7.81 -14.88 32.61
N PHE A 97 7.47 -13.59 32.78
CA PHE A 97 6.12 -13.04 32.54
C PHE A 97 5.64 -13.41 31.13
N ILE A 98 6.45 -13.12 30.11
CA ILE A 98 6.05 -13.33 28.68
C ILE A 98 5.72 -14.82 28.50
N LEU A 99 6.51 -15.72 29.09
CA LEU A 99 6.41 -17.19 28.89
C LEU A 99 5.24 -17.75 29.69
N GLN A 100 5.01 -17.22 30.90
CA GLN A 100 3.75 -17.49 31.66
C GLN A 100 2.52 -17.09 30.83
N CYS A 101 2.58 -15.94 30.13
CA CYS A 101 1.46 -15.45 29.26
C CYS A 101 1.25 -16.44 28.12
N ARG A 102 2.33 -16.76 27.39
CA ARG A 102 2.29 -17.61 26.16
C ARG A 102 1.69 -18.98 26.49
N LYS A 103 1.98 -19.48 27.68
CA LYS A 103 1.49 -20.81 28.15
C LYS A 103 -0.03 -20.81 28.21
N LYS A 104 -0.65 -19.66 28.51
CA LYS A 104 -2.09 -19.60 28.80
C LYS A 104 -2.87 -19.26 27.52
N TYR A 105 -2.22 -19.11 26.37
CA TYR A 105 -2.93 -18.91 25.06
C TYR A 105 -3.08 -20.27 24.41
N ARG A 106 -4.01 -20.37 23.47
CA ARG A 106 -4.41 -21.67 22.89
C ARG A 106 -4.16 -21.72 21.39
N ASN A 107 -4.10 -22.95 20.87
CA ASN A 107 -3.98 -23.23 19.43
C ASN A 107 -5.37 -23.04 18.81
N VAL A 108 -5.77 -21.78 18.55
CA VAL A 108 -6.97 -21.39 17.74
C VAL A 108 -6.53 -20.51 16.56
N PRO A 109 -7.37 -20.26 15.54
CA PRO A 109 -6.94 -19.52 14.36
C PRO A 109 -6.45 -18.09 14.60
N TYR A 110 -7.07 -17.31 15.51
CA TYR A 110 -6.86 -15.83 15.61
C TYR A 110 -6.40 -15.41 17.02
N HIS A 111 -7.22 -15.67 18.02
CA HIS A 111 -6.99 -15.24 19.41
C HIS A 111 -5.97 -16.16 20.06
N ASN A 112 -4.81 -16.27 19.43
CA ASN A 112 -3.65 -17.05 19.94
C ASN A 112 -2.59 -16.05 20.36
N PHE A 113 -1.41 -16.53 20.72
CA PHE A 113 -0.27 -15.72 21.19
C PHE A 113 0.19 -14.74 20.09
N TYR A 114 0.09 -15.13 18.82
CA TYR A 114 0.55 -14.28 17.70
C TYR A 114 -0.28 -12.99 17.76
N HIS A 115 -1.57 -13.11 18.09
CA HIS A 115 -2.47 -11.95 18.12
C HIS A 115 -2.00 -10.94 19.16
N VAL A 116 -1.62 -11.35 20.34
CA VAL A 116 -1.40 -10.39 21.47
C VAL A 116 0.01 -9.80 21.35
N VAL A 117 0.93 -10.56 20.75
CA VAL A 117 2.27 -10.05 20.35
C VAL A 117 2.11 -8.99 19.27
N ASP A 118 1.25 -9.25 18.29
CA ASP A 118 0.81 -8.27 17.27
C ASP A 118 0.32 -6.99 17.93
N VAL A 119 -0.55 -7.10 18.96
CA VAL A 119 -1.19 -5.94 19.62
C VAL A 119 -0.12 -5.16 20.40
N CYS A 120 0.78 -5.90 21.06
CA CYS A 120 1.97 -5.35 21.76
C CYS A 120 2.86 -4.52 20.83
N GLN A 121 3.16 -5.05 19.63
CA GLN A 121 4.08 -4.44 18.65
C GLN A 121 3.36 -3.23 18.03
N THR A 122 2.08 -3.36 17.76
CA THR A 122 1.28 -2.29 17.14
C THR A 122 1.16 -1.13 18.13
N ILE A 123 1.02 -1.43 19.42
CA ILE A 123 0.82 -0.39 20.47
C ILE A 123 2.14 0.38 20.61
N HIS A 124 3.25 -0.32 20.46
CA HIS A 124 4.63 0.26 20.41
C HIS A 124 4.70 1.31 19.32
N THR A 125 4.19 1.02 18.14
CA THR A 125 4.24 1.93 16.98
C THR A 125 3.34 3.13 17.27
N PHE A 126 2.11 2.90 17.75
CA PHE A 126 1.20 4.05 18.04
C PHE A 126 1.86 4.95 19.09
N LEU A 127 2.54 4.36 20.05
CA LEU A 127 3.16 5.12 21.15
C LEU A 127 4.41 5.85 20.65
N TYR A 128 5.28 5.15 19.92
CA TYR A 128 6.60 5.70 19.53
C TYR A 128 6.64 6.25 18.11
N ARG A 129 5.95 5.66 17.14
CA ARG A 129 5.93 6.19 15.76
C ARG A 129 4.79 7.22 15.65
N GLY A 130 3.70 7.00 16.38
CA GLY A 130 2.55 7.91 16.42
C GLY A 130 2.69 8.96 17.52
N ASN A 131 3.69 8.85 18.37
CA ASN A 131 4.00 9.89 19.41
C ASN A 131 2.88 9.98 20.46
N VAL A 132 2.07 8.94 20.60
CA VAL A 132 1.04 8.89 21.67
C VAL A 132 1.77 8.82 23.03
N TYR A 133 3.03 8.38 23.08
CA TYR A 133 3.77 8.34 24.36
C TYR A 133 3.69 9.74 25.04
N GLU A 134 3.55 10.79 24.24
CA GLU A 134 3.64 12.21 24.73
C GLU A 134 2.44 12.44 25.66
N LYS A 135 1.39 11.63 25.53
CA LYS A 135 0.08 11.83 26.21
C LYS A 135 0.06 11.08 27.55
N LEU A 136 1.01 10.18 27.80
CA LEU A 136 1.00 9.22 28.94
C LEU A 136 2.31 9.32 29.73
N THR A 137 2.34 8.70 30.91
CA THR A 137 3.55 8.63 31.75
C THR A 137 4.34 7.46 31.20
N GLU A 138 5.60 7.34 31.60
CA GLU A 138 6.37 6.11 31.31
C GLU A 138 5.62 4.93 31.93
N LEU A 139 5.05 5.08 33.12
CA LEU A 139 4.43 3.89 33.78
C LEU A 139 3.25 3.39 32.94
N GLU A 140 2.43 4.32 32.43
CA GLU A 140 1.26 4.03 31.59
C GLU A 140 1.71 3.38 30.28
N CYS A 141 2.83 3.82 29.70
CA CYS A 141 3.40 3.19 28.47
C CYS A 141 3.82 1.77 28.81
N PHE A 142 4.52 1.59 29.95
CA PHE A 142 4.95 0.24 30.42
C PHE A 142 3.70 -0.64 30.59
N VAL A 143 2.69 -0.13 31.32
CA VAL A 143 1.44 -0.88 31.56
C VAL A 143 0.80 -1.29 30.23
N LEU A 144 0.67 -0.38 29.26
CA LEU A 144 0.00 -0.70 27.97
C LEU A 144 0.73 -1.84 27.25
N LEU A 145 2.05 -1.80 27.13
CA LEU A 145 2.82 -2.87 26.42
C LEU A 145 2.63 -4.23 27.12
N ILE A 146 2.62 -4.26 28.46
CA ILE A 146 2.30 -5.47 29.30
C ILE A 146 0.85 -5.89 29.08
N THR A 147 -0.11 -4.95 29.15
CA THR A 147 -1.54 -5.29 29.06
C THR A 147 -1.78 -5.93 27.69
N ALA A 148 -1.08 -5.47 26.65
CA ALA A 148 -1.21 -6.07 25.31
C ALA A 148 -1.11 -7.61 25.42
N LEU A 149 -0.13 -8.10 26.18
CA LEU A 149 0.20 -9.54 26.23
C LEU A 149 -0.82 -10.33 27.07
N VAL A 150 -1.53 -9.71 28.04
CA VAL A 150 -2.49 -10.43 28.90
C VAL A 150 -3.93 -10.34 28.39
N HIS A 151 -4.25 -9.55 27.36
CA HIS A 151 -5.62 -9.00 27.13
C HIS A 151 -6.59 -10.04 26.52
N ASP A 152 -6.11 -11.19 26.04
CA ASP A 152 -7.01 -12.27 25.54
C ASP A 152 -6.66 -13.63 26.20
N LEU A 153 -6.03 -13.64 27.37
CA LEU A 153 -5.54 -14.90 28.01
C LEU A 153 -6.62 -15.97 28.05
N ASP A 154 -6.27 -17.14 27.53
CA ASP A 154 -7.04 -18.41 27.62
C ASP A 154 -8.34 -18.19 26.85
N HIS A 155 -8.24 -17.50 25.71
CA HIS A 155 -9.36 -17.34 24.74
C HIS A 155 -9.53 -18.66 23.98
N MET A 156 -10.76 -19.07 23.73
CA MET A 156 -11.11 -20.42 23.19
C MET A 156 -11.60 -20.32 21.74
N GLY A 157 -11.70 -19.11 21.20
CA GLY A 157 -12.17 -18.87 19.82
C GLY A 157 -13.67 -18.74 19.76
N LEU A 158 -14.30 -18.44 20.89
CA LEU A 158 -15.77 -18.29 21.01
C LEU A 158 -16.02 -16.92 21.63
N ASN A 159 -16.98 -16.17 21.11
CA ASN A 159 -17.28 -14.80 21.62
C ASN A 159 -18.13 -14.90 22.90
N ASN A 160 -18.26 -13.78 23.63
CA ASN A 160 -19.10 -13.66 24.85
C ASN A 160 -20.49 -14.24 24.57
N SER A 161 -21.07 -13.88 23.44
CA SER A 161 -22.44 -14.26 23.05
C SER A 161 -22.62 -15.78 23.13
N PHE A 162 -21.66 -16.54 22.63
CA PHE A 162 -21.74 -18.02 22.54
C PHE A 162 -22.04 -18.59 23.93
N TYR A 163 -21.21 -18.17 24.90
CA TYR A 163 -21.24 -18.61 26.31
C TYR A 163 -22.59 -18.30 26.94
N LEU A 164 -23.22 -17.19 26.58
CA LEU A 164 -24.51 -16.77 27.17
C LEU A 164 -25.65 -17.57 26.51
N LYS A 165 -25.65 -17.67 25.18
CA LYS A 165 -26.73 -18.35 24.43
C LYS A 165 -26.78 -19.83 24.80
N THR A 166 -25.63 -20.48 25.02
CA THR A 166 -25.52 -21.92 25.36
C THR A 166 -25.73 -22.17 26.87
N GLU A 167 -25.98 -21.13 27.68
CA GLU A 167 -26.04 -21.22 29.17
C GLU A 167 -24.89 -22.12 29.63
N SER A 168 -23.66 -21.85 29.18
CA SER A 168 -22.44 -22.56 29.65
C SER A 168 -22.12 -22.03 31.05
N PRO A 169 -21.37 -22.79 31.87
CA PRO A 169 -21.02 -22.37 33.22
C PRO A 169 -20.46 -20.95 33.34
N LEU A 170 -19.53 -20.56 32.48
CA LEU A 170 -18.94 -19.20 32.48
C LEU A 170 -20.03 -18.17 32.20
N GLY A 171 -20.95 -18.48 31.30
CA GLY A 171 -22.03 -17.54 30.99
C GLY A 171 -22.96 -17.38 32.18
N ILE A 172 -23.22 -18.49 32.87
CA ILE A 172 -24.16 -18.48 34.03
C ILE A 172 -23.50 -17.60 35.10
N LEU A 173 -22.22 -17.84 35.34
CA LEU A 173 -21.45 -17.10 36.37
C LEU A 173 -21.45 -15.59 36.05
N SER A 174 -21.25 -15.23 34.79
CA SER A 174 -21.21 -13.80 34.42
C SER A 174 -22.58 -13.19 34.60
N SER A 175 -23.59 -13.87 34.09
CA SER A 175 -24.97 -13.38 34.20
C SER A 175 -25.38 -13.30 35.67
N ALA A 176 -25.07 -14.31 36.49
CA ALA A 176 -25.45 -14.29 37.91
C ALA A 176 -24.66 -13.22 38.65
N SER A 177 -23.41 -13.04 38.25
CA SER A 177 -22.41 -12.08 38.78
C SER A 177 -22.80 -10.66 38.39
N GLY A 178 -23.55 -10.51 37.30
CA GLY A 178 -23.96 -9.17 36.84
C GLY A 178 -22.99 -8.55 35.85
N ASN A 179 -22.07 -9.33 35.27
CA ASN A 179 -21.12 -8.77 34.28
C ASN A 179 -21.22 -9.54 32.96
N THR A 180 -21.60 -8.85 31.89
CA THR A 180 -21.79 -9.42 30.53
C THR A 180 -20.44 -9.65 29.84
N SER A 181 -19.36 -9.05 30.32
CA SER A 181 -18.06 -9.26 29.64
C SER A 181 -17.47 -10.58 30.11
N VAL A 182 -18.04 -11.69 29.67
CA VAL A 182 -17.60 -13.05 30.07
C VAL A 182 -16.09 -13.20 29.92
N LEU A 183 -15.59 -13.08 28.68
CA LEU A 183 -14.16 -13.36 28.36
C LEU A 183 -13.27 -12.33 29.05
N GLU A 184 -13.67 -11.07 29.05
CA GLU A 184 -12.73 -9.99 29.48
C GLU A 184 -12.42 -10.20 30.95
N VAL A 185 -13.42 -10.56 31.75
CA VAL A 185 -13.26 -10.82 33.21
C VAL A 185 -12.36 -12.06 33.41
N HIS A 186 -12.54 -13.11 32.63
CA HIS A 186 -11.67 -14.31 32.62
C HIS A 186 -10.22 -13.86 32.40
N HIS A 187 -9.97 -13.01 31.39
CA HIS A 187 -8.61 -12.57 30.99
C HIS A 187 -7.99 -11.91 32.20
N CYS A 188 -8.73 -11.03 32.88
CA CYS A 188 -8.17 -10.25 34.01
C CYS A 188 -7.85 -11.17 35.19
N ASN A 189 -8.68 -12.20 35.41
CA ASN A 189 -8.52 -13.22 36.49
C ASN A 189 -7.15 -13.89 36.31
N LEU A 190 -6.83 -14.36 35.10
CA LEU A 190 -5.54 -15.04 34.78
C LEU A 190 -4.38 -14.05 34.87
N ALA A 191 -4.58 -12.81 34.44
CA ALA A 191 -3.51 -11.80 34.48
C ALA A 191 -3.11 -11.63 35.94
N VAL A 192 -4.07 -11.44 36.84
CA VAL A 192 -3.82 -11.24 38.30
C VAL A 192 -3.07 -12.47 38.84
N GLU A 193 -3.43 -13.68 38.40
CA GLU A 193 -2.76 -14.97 38.77
C GLU A 193 -1.26 -14.80 38.49
N ILE A 194 -0.91 -14.52 37.24
CA ILE A 194 0.49 -14.48 36.75
C ILE A 194 1.31 -13.49 37.59
N LEU A 195 0.69 -12.36 37.96
CA LEU A 195 1.42 -11.28 38.65
C LEU A 195 1.44 -11.44 40.16
N SER A 196 0.82 -12.47 40.71
CA SER A 196 0.85 -12.67 42.18
C SER A 196 2.14 -13.43 42.57
N ASP A 197 2.76 -14.05 41.56
CA ASP A 197 4.03 -14.80 41.70
C ASP A 197 5.18 -13.83 41.37
N PRO A 198 6.00 -13.40 42.34
CA PRO A 198 7.07 -12.41 42.12
C PRO A 198 8.03 -12.73 40.97
N GLU A 199 8.28 -14.01 40.73
CA GLU A 199 9.17 -14.48 39.63
C GLU A 199 8.66 -13.96 38.28
N SER A 200 7.36 -13.66 38.14
CA SER A 200 6.72 -13.18 36.89
C SER A 200 5.91 -11.89 37.08
N ASP A 201 6.13 -11.12 38.17
CA ASP A 201 5.40 -9.86 38.47
C ASP A 201 6.24 -8.71 37.93
N VAL A 202 5.93 -8.27 36.70
CA VAL A 202 6.62 -7.10 36.07
C VAL A 202 6.32 -5.82 36.84
N PHE A 203 5.43 -5.85 37.84
CA PHE A 203 5.09 -4.63 38.65
C PHE A 203 5.65 -4.75 40.06
N ASP A 204 6.42 -5.80 40.37
CA ASP A 204 6.96 -6.03 41.73
C ASP A 204 7.77 -4.81 42.18
N GLY A 205 8.43 -4.14 41.23
CA GLY A 205 9.24 -2.95 41.49
C GLY A 205 8.41 -1.74 41.89
N LEU A 206 7.08 -1.80 41.75
CA LEU A 206 6.19 -0.65 42.08
C LEU A 206 5.72 -0.80 43.52
N GLU A 207 5.33 0.29 44.18
CA GLU A 207 4.52 0.20 45.42
C GLU A 207 3.51 1.36 45.49
N GLY A 208 2.59 1.27 46.45
CA GLY A 208 1.63 2.33 46.78
C GLY A 208 0.83 2.71 45.55
N ALA A 209 0.62 4.01 45.36
CA ALA A 209 -0.21 4.52 44.25
C ALA A 209 0.20 3.94 42.89
N GLU A 210 1.49 3.82 42.61
CA GLU A 210 1.96 3.34 41.29
C GLU A 210 1.52 1.91 41.02
N ARG A 211 1.72 1.02 41.99
CA ARG A 211 1.35 -0.42 41.93
C ARG A 211 -0.17 -0.52 41.71
N THR A 212 -0.92 0.25 42.48
CA THR A 212 -2.39 0.29 42.34
C THR A 212 -2.74 0.74 40.92
N LEU A 213 -2.19 1.87 40.47
CA LEU A 213 -2.48 2.41 39.12
C LEU A 213 -2.16 1.32 38.07
N ALA A 214 -1.05 0.61 38.21
CA ALA A 214 -0.64 -0.38 37.20
C ALA A 214 -1.72 -1.45 37.08
N PHE A 215 -2.23 -1.96 38.20
CA PHE A 215 -3.31 -2.97 38.23
C PHE A 215 -4.65 -2.34 37.78
N ARG A 216 -5.04 -1.21 38.33
CA ARG A 216 -6.35 -0.63 37.95
C ARG A 216 -6.43 -0.36 36.44
N SER A 217 -5.38 0.20 35.86
CA SER A 217 -5.33 0.58 34.43
C SER A 217 -5.19 -0.67 33.57
N MET A 218 -4.42 -1.68 33.97
CA MET A 218 -4.36 -2.93 33.16
C MET A 218 -5.76 -3.52 33.05
N ILE A 219 -6.54 -3.46 34.12
CA ILE A 219 -7.87 -4.13 34.18
C ILE A 219 -8.91 -3.28 33.43
N ASP A 220 -8.96 -1.99 33.70
CA ASP A 220 -9.87 -1.06 32.97
C ASP A 220 -9.63 -1.27 31.46
N CYS A 221 -8.37 -1.38 31.02
CA CYS A 221 -8.02 -1.52 29.59
C CYS A 221 -8.59 -2.84 29.07
N VAL A 222 -8.33 -3.96 29.73
CA VAL A 222 -8.81 -5.29 29.24
C VAL A 222 -10.33 -5.31 29.15
N LEU A 223 -11.01 -4.83 30.19
CA LEU A 223 -12.49 -4.69 30.24
C LEU A 223 -13.02 -3.80 29.10
N ALA A 224 -12.28 -2.79 28.67
CA ALA A 224 -12.66 -1.91 27.55
C ALA A 224 -12.52 -2.61 26.19
N THR A 225 -11.87 -3.78 26.08
CA THR A 225 -11.66 -4.48 24.77
C THR A 225 -12.94 -5.17 24.34
N ASP A 226 -13.94 -5.27 25.24
CA ASP A 226 -15.28 -5.82 24.90
C ASP A 226 -15.98 -4.90 23.90
N MET A 227 -16.28 -5.39 22.70
CA MET A 227 -16.78 -4.53 21.59
C MET A 227 -18.23 -4.11 21.84
N ALA A 228 -18.90 -4.67 22.84
CA ALA A 228 -20.27 -4.25 23.24
C ALA A 228 -20.22 -2.85 23.86
N LYS A 229 -19.05 -2.43 24.35
CA LYS A 229 -18.80 -1.11 25.00
C LYS A 229 -18.12 -0.17 23.98
N HIS A 230 -17.88 -0.66 22.77
CA HIS A 230 -17.10 0.05 21.73
C HIS A 230 -17.56 1.52 21.59
N GLY A 231 -18.86 1.73 21.30
CA GLY A 231 -19.45 3.04 21.05
C GLY A 231 -19.26 3.95 22.25
N SER A 232 -19.55 3.44 23.44
CA SER A 232 -19.52 4.24 24.70
C SER A 232 -18.06 4.58 25.06
N ALA A 233 -17.09 3.68 24.88
CA ALA A 233 -15.67 3.96 25.17
C ALA A 233 -15.15 5.04 24.20
N LEU A 234 -15.49 4.89 22.92
CA LEU A 234 -15.11 5.89 21.92
C LEU A 234 -15.74 7.26 22.23
N GLU A 235 -17.04 7.34 22.55
CA GLU A 235 -17.71 8.66 22.79
C GLU A 235 -17.13 9.31 24.06
N ALA A 236 -16.78 8.55 25.08
CA ALA A 236 -16.21 9.04 26.35
C ALA A 236 -14.84 9.65 26.09
N PHE A 237 -14.00 8.92 25.35
CA PHE A 237 -12.66 9.41 24.99
C PHE A 237 -12.77 10.71 24.17
N LEU A 238 -13.62 10.77 23.16
CA LEU A 238 -13.76 11.99 22.30
C LEU A 238 -14.29 13.16 23.13
N ALA A 239 -15.26 12.95 24.03
CA ALA A 239 -15.83 14.00 24.92
C ALA A 239 -14.75 14.56 25.85
N SER A 240 -13.89 13.67 26.37
CA SER A 240 -12.75 14.04 27.23
C SER A 240 -11.71 14.85 26.45
N ALA A 241 -11.33 14.45 25.22
CA ALA A 241 -10.28 15.12 24.42
C ALA A 241 -10.74 16.52 24.02
N ALA A 242 -12.04 16.72 23.78
CA ALA A 242 -12.56 18.04 23.35
C ALA A 242 -12.69 18.99 24.56
N ASP A 243 -12.53 18.48 25.79
CA ASP A 243 -12.76 19.27 27.03
C ASP A 243 -11.41 19.60 27.69
N GLN A 244 -10.92 20.82 27.46
CA GLN A 244 -9.71 21.38 28.13
C GLN A 244 -9.77 21.19 29.64
N SER A 245 -10.94 21.01 30.24
CA SER A 245 -11.08 20.94 31.73
C SER A 245 -11.39 19.51 32.18
N SER A 246 -11.18 18.51 31.32
CA SER A 246 -11.36 17.10 31.71
C SER A 246 -10.41 16.80 32.84
N ASP A 247 -10.85 16.01 33.79
CA ASP A 247 -9.94 15.46 34.81
C ASP A 247 -8.76 14.79 34.09
N GLU A 248 -7.55 15.18 34.45
CA GLU A 248 -6.29 14.69 33.83
C GLU A 248 -6.18 13.16 34.02
N ALA A 249 -6.41 12.65 35.22
CA ALA A 249 -6.32 11.20 35.52
C ALA A 249 -7.27 10.41 34.60
N ALA A 250 -8.51 10.89 34.44
CA ALA A 250 -9.54 10.21 33.66
C ALA A 250 -9.16 10.25 32.17
N PHE A 251 -8.53 11.33 31.68
CA PHE A 251 -8.10 11.43 30.26
C PHE A 251 -6.98 10.42 29.97
N HIS A 252 -5.99 10.35 30.86
CA HIS A 252 -4.94 9.30 30.79
C HIS A 252 -5.62 7.95 30.64
N ARG A 253 -6.55 7.63 31.54
CA ARG A 253 -7.12 6.26 31.61
C ARG A 253 -7.81 5.92 30.30
N MET A 254 -8.58 6.87 29.77
CA MET A 254 -9.36 6.70 28.55
C MET A 254 -8.47 6.65 27.31
N THR A 255 -7.32 7.32 27.37
CA THR A 255 -6.28 7.22 26.34
C THR A 255 -5.70 5.80 26.33
N MET A 256 -5.30 5.26 27.49
CA MET A 256 -4.80 3.85 27.59
C MET A 256 -5.82 2.87 27.01
N GLU A 257 -7.09 3.02 27.40
CA GLU A 257 -8.18 2.15 26.92
C GLU A 257 -8.34 2.27 25.41
N ILE A 258 -8.30 3.49 24.88
CA ILE A 258 -8.47 3.72 23.43
C ILE A 258 -7.26 3.13 22.69
N ILE A 259 -6.08 3.21 23.26
CA ILE A 259 -4.87 2.67 22.59
C ILE A 259 -4.93 1.15 22.56
N LEU A 260 -5.35 0.50 23.65
CA LEU A 260 -5.46 -0.98 23.62
C LEU A 260 -6.56 -1.35 22.64
N LYS A 261 -7.69 -0.65 22.67
CA LYS A 261 -8.78 -0.88 21.68
C LYS A 261 -8.24 -0.70 20.25
N ALA A 262 -7.56 0.41 19.98
CA ALA A 262 -6.89 0.68 18.68
C ALA A 262 -6.05 -0.53 18.26
N GLY A 263 -5.14 -0.96 19.12
CA GLY A 263 -4.29 -2.13 18.81
C GLY A 263 -5.15 -3.33 18.42
N ASP A 264 -6.22 -3.56 19.16
CA ASP A 264 -7.04 -4.78 19.03
C ASP A 264 -7.80 -4.78 17.70
N ILE A 265 -8.09 -3.63 17.09
CA ILE A 265 -8.72 -3.58 15.73
C ILE A 265 -7.77 -2.95 14.71
N SER A 266 -6.45 -3.13 14.86
CA SER A 266 -5.38 -2.57 14.00
C SER A 266 -5.10 -3.41 12.73
N ASN A 267 -5.66 -4.60 12.59
CA ASN A 267 -5.46 -5.48 11.40
C ASN A 267 -5.62 -4.69 10.09
N VAL A 268 -6.62 -3.84 9.97
CA VAL A 268 -6.88 -3.09 8.70
C VAL A 268 -5.99 -1.85 8.55
N THR A 269 -5.04 -1.58 9.47
CA THR A 269 -4.08 -0.46 9.36
C THR A 269 -2.74 -0.97 8.83
N LYS A 270 -2.61 -2.27 8.60
CA LYS A 270 -1.33 -2.91 8.20
C LYS A 270 -1.29 -2.99 6.68
N PRO A 271 -0.09 -3.13 6.08
CA PRO A 271 0.08 -3.51 4.67
C PRO A 271 -0.92 -4.57 4.19
N PHE A 272 -1.63 -4.32 3.10
CA PHE A 272 -2.71 -5.19 2.56
C PHE A 272 -2.51 -6.70 2.73
N ASP A 273 -1.34 -7.25 2.43
CA ASP A 273 -1.18 -8.73 2.54
C ASP A 273 -1.19 -9.15 4.00
N ILE A 274 -0.67 -8.32 4.89
CA ILE A 274 -0.68 -8.66 6.34
C ILE A 274 -2.13 -8.56 6.82
N SER A 275 -2.81 -7.48 6.44
CA SER A 275 -4.23 -7.28 6.80
C SER A 275 -5.07 -8.42 6.25
N ARG A 276 -4.81 -8.83 5.00
CA ARG A 276 -5.56 -9.93 4.36
C ARG A 276 -5.33 -11.21 5.15
N GLN A 277 -4.10 -11.46 5.56
CA GLN A 277 -3.84 -12.71 6.31
C GLN A 277 -4.65 -12.69 7.61
N TRP A 278 -4.53 -11.64 8.43
CA TRP A 278 -5.29 -11.52 9.70
C TRP A 278 -6.77 -11.82 9.47
N ALA A 279 -7.39 -11.21 8.46
CA ALA A 279 -8.82 -11.45 8.16
C ALA A 279 -9.10 -12.93 7.89
N MET A 280 -8.21 -13.64 7.19
CA MET A 280 -8.48 -15.07 6.90
C MET A 280 -8.53 -15.87 8.19
N ALA A 281 -7.61 -15.61 9.10
CA ALA A 281 -7.49 -16.28 10.42
C ALA A 281 -8.76 -16.00 11.26
N VAL A 282 -9.29 -14.77 11.20
CA VAL A 282 -10.43 -14.36 12.07
C VAL A 282 -11.72 -14.93 11.47
N THR A 283 -11.79 -15.02 10.14
CA THR A 283 -12.96 -15.57 9.42
C THR A 283 -13.06 -17.06 9.74
N GLU A 284 -11.93 -17.76 9.83
CA GLU A 284 -11.91 -19.19 10.18
C GLU A 284 -12.40 -19.35 11.62
N GLU A 285 -11.95 -18.50 12.54
CA GLU A 285 -12.32 -18.61 13.97
C GLU A 285 -13.83 -18.39 14.09
N PHE A 286 -14.37 -17.38 13.42
CA PHE A 286 -15.82 -17.12 13.41
C PHE A 286 -16.53 -18.36 12.89
N TYR A 287 -16.02 -18.97 11.80
CA TYR A 287 -16.69 -20.10 11.11
C TYR A 287 -16.79 -21.27 12.09
N ARG A 288 -15.70 -21.61 12.81
CA ARG A 288 -15.64 -22.75 13.77
C ARG A 288 -16.72 -22.56 14.84
N GLN A 289 -16.82 -21.36 15.43
CA GLN A 289 -17.87 -21.04 16.46
C GLN A 289 -19.22 -21.44 15.86
N GLY A 290 -19.56 -20.93 14.68
CA GLY A 290 -20.84 -21.19 13.98
C GLY A 290 -21.04 -22.65 13.60
N ASP A 291 -19.98 -23.46 13.53
CA ASP A 291 -20.04 -24.93 13.34
C ASP A 291 -20.55 -25.58 14.64
N MET A 292 -20.01 -25.14 15.77
CA MET A 292 -20.39 -25.59 17.13
C MET A 292 -21.79 -25.09 17.49
N GLU A 293 -22.15 -23.85 17.15
CA GLU A 293 -23.48 -23.25 17.45
C GLU A 293 -24.59 -24.03 16.74
N LYS A 294 -24.25 -24.72 15.64
CA LYS A 294 -25.18 -25.53 14.81
C LYS A 294 -25.41 -26.89 15.48
N GLU A 295 -24.33 -27.62 15.76
CA GLU A 295 -24.45 -28.92 16.43
C GLU A 295 -25.01 -28.70 17.83
N ARG A 296 -24.86 -27.49 18.34
CA ARG A 296 -25.35 -27.12 19.70
C ARG A 296 -26.80 -26.66 19.59
N GLY A 297 -27.26 -26.38 18.39
CA GLY A 297 -28.65 -25.96 18.14
C GLY A 297 -29.00 -24.56 18.61
N VAL A 298 -28.10 -23.59 18.47
CA VAL A 298 -28.41 -22.18 18.88
C VAL A 298 -28.37 -21.25 17.63
N GLU A 299 -28.86 -20.01 17.77
CA GLU A 299 -28.88 -18.98 16.70
C GLU A 299 -27.47 -18.77 16.13
N VAL A 300 -27.28 -18.95 14.82
CA VAL A 300 -26.01 -18.67 14.07
C VAL A 300 -26.19 -17.39 13.25
N LEU A 301 -25.41 -16.33 13.53
CA LEU A 301 -25.42 -15.05 12.75
C LEU A 301 -24.76 -15.28 11.38
N PRO A 302 -25.08 -14.43 10.38
CA PRO A 302 -24.53 -14.58 9.04
C PRO A 302 -23.00 -14.74 8.99
N MET A 303 -22.27 -13.91 9.73
CA MET A 303 -20.78 -13.96 9.67
C MET A 303 -20.15 -15.21 10.29
N PHE A 304 -20.89 -16.04 11.03
CA PHE A 304 -20.27 -17.26 11.62
C PHE A 304 -20.69 -18.48 10.81
N ASP A 305 -21.46 -18.26 9.75
CA ASP A 305 -22.04 -19.34 8.89
C ASP A 305 -21.20 -19.58 7.62
N ARG A 306 -20.48 -20.72 7.54
CA ARG A 306 -19.64 -21.14 6.36
C ARG A 306 -20.45 -21.19 5.06
N SER A 307 -21.61 -21.85 5.10
CA SER A 307 -22.45 -22.16 3.91
C SER A 307 -23.01 -20.87 3.28
N LYS A 308 -22.97 -19.75 4.01
CA LYS A 308 -23.26 -18.39 3.47
C LYS A 308 -22.10 -17.92 2.55
N ASN A 309 -20.93 -18.55 2.71
CA ASN A 309 -19.68 -18.26 1.97
C ASN A 309 -19.67 -16.79 1.53
N MET A 310 -19.65 -15.85 2.49
CA MET A 310 -19.64 -14.41 2.18
C MET A 310 -18.23 -14.00 1.74
N GLU A 311 -18.13 -13.05 0.82
CA GLU A 311 -16.82 -12.62 0.28
C GLU A 311 -16.02 -11.78 1.29
N LEU A 312 -14.78 -12.17 1.51
CA LEU A 312 -13.81 -11.48 2.39
C LEU A 312 -13.79 -9.99 2.02
N ALA A 313 -13.67 -9.70 0.72
CA ALA A 313 -13.62 -8.33 0.17
C ALA A 313 -14.72 -7.48 0.80
N LYS A 314 -15.95 -7.98 0.77
CA LYS A 314 -17.17 -7.30 1.29
C LYS A 314 -17.10 -7.23 2.84
N GLY A 315 -16.63 -8.30 3.49
CA GLY A 315 -16.43 -8.34 4.94
C GLY A 315 -15.54 -7.19 5.37
N GLN A 316 -14.31 -7.16 4.86
CA GLN A 316 -13.31 -6.15 5.21
C GLN A 316 -13.85 -4.77 4.87
N ILE A 317 -14.52 -4.59 3.74
CA ILE A 317 -15.10 -3.25 3.38
C ILE A 317 -16.16 -2.86 4.42
N GLY A 318 -16.96 -3.85 4.87
CA GLY A 318 -17.99 -3.65 5.91
C GLY A 318 -17.34 -3.21 7.20
N PHE A 319 -16.27 -3.91 7.60
CA PHE A 319 -15.53 -3.67 8.85
C PHE A 319 -14.85 -2.30 8.81
N ILE A 320 -14.21 -1.99 7.69
CA ILE A 320 -13.64 -0.64 7.44
C ILE A 320 -14.75 0.40 7.58
N ASP A 321 -15.90 0.21 6.96
CA ASP A 321 -16.90 1.31 6.87
C ASP A 321 -17.60 1.53 8.22
N PHE A 322 -18.01 0.48 8.94
CA PHE A 322 -18.86 0.62 10.15
C PHE A 322 -18.00 0.72 11.41
N VAL A 323 -16.86 0.02 11.53
CA VAL A 323 -16.03 0.02 12.78
C VAL A 323 -14.73 0.84 12.64
N ALA A 324 -13.78 0.44 11.81
CA ALA A 324 -12.36 0.87 11.93
C ALA A 324 -12.10 2.28 11.36
N ALA A 325 -12.65 2.62 10.20
CA ALA A 325 -12.33 3.92 9.58
C ALA A 325 -12.88 5.04 10.46
N PRO A 326 -14.15 5.00 10.89
CA PRO A 326 -14.71 6.05 11.74
C PRO A 326 -13.94 6.19 13.06
N PHE A 327 -13.56 5.05 13.64
CA PHE A 327 -12.82 4.97 14.91
C PHE A 327 -11.48 5.67 14.79
N PHE A 328 -10.66 5.23 13.85
CA PHE A 328 -9.30 5.80 13.69
C PHE A 328 -9.43 7.27 13.24
N GLN A 329 -10.33 7.59 12.31
CA GLN A 329 -10.46 9.00 11.85
C GLN A 329 -10.75 9.88 13.08
N LYS A 330 -11.72 9.50 13.91
CA LYS A 330 -12.21 10.35 15.03
C LYS A 330 -11.12 10.56 16.11
N ILE A 331 -10.30 9.55 16.40
CA ILE A 331 -9.29 9.65 17.48
C ILE A 331 -8.09 10.44 16.96
N VAL A 332 -7.75 10.24 15.70
CA VAL A 332 -6.68 11.03 15.03
C VAL A 332 -7.10 12.50 15.01
N ASP A 333 -8.34 12.82 14.60
CA ASP A 333 -8.81 14.23 14.53
C ASP A 333 -8.87 14.82 15.93
N ALA A 334 -9.45 14.08 16.88
CA ALA A 334 -9.70 14.52 18.27
C ALA A 334 -8.39 14.89 18.95
N CYS A 335 -7.30 14.20 18.67
CA CYS A 335 -6.20 14.12 19.65
C CYS A 335 -4.94 13.48 19.07
N LEU A 336 -5.04 12.27 18.50
CA LEU A 336 -3.83 11.45 18.14
C LEU A 336 -3.42 11.73 16.68
N GLN A 337 -3.04 12.99 16.36
CA GLN A 337 -2.63 13.43 14.99
C GLN A 337 -1.43 12.61 14.47
N GLY A 338 -0.53 12.19 15.36
CA GLY A 338 0.65 11.38 15.03
C GLY A 338 0.26 10.06 14.37
N MET A 339 -0.98 9.59 14.54
CA MET A 339 -1.40 8.23 14.06
C MET A 339 -2.11 8.32 12.68
N GLN A 340 -2.00 9.47 12.01
CA GLN A 340 -2.64 9.71 10.68
C GLN A 340 -2.41 8.51 9.76
N TRP A 341 -1.23 7.88 9.80
CA TRP A 341 -0.90 6.81 8.83
C TRP A 341 -1.95 5.70 8.89
N THR A 342 -2.56 5.45 10.06
CA THR A 342 -3.56 4.39 10.22
C THR A 342 -4.73 4.72 9.29
N VAL A 343 -5.16 5.98 9.25
CA VAL A 343 -6.29 6.40 8.39
C VAL A 343 -5.92 6.31 6.90
N ASP A 344 -4.67 6.63 6.55
CA ASP A 344 -4.13 6.50 5.18
C ASP A 344 -4.21 5.02 4.73
N ARG A 345 -3.67 4.09 5.52
CA ARG A 345 -3.62 2.65 5.19
C ARG A 345 -5.03 2.05 5.14
N ILE A 346 -5.91 2.49 6.02
CA ILE A 346 -7.29 1.96 5.99
C ILE A 346 -7.89 2.36 4.65
N LYS A 347 -7.65 3.60 4.25
CA LYS A 347 -8.17 4.17 2.98
C LYS A 347 -7.62 3.36 1.81
N SER A 348 -6.31 3.11 1.81
CA SER A 348 -5.67 2.37 0.71
C SER A 348 -6.09 0.90 0.74
N ASN A 349 -6.26 0.33 1.92
CA ASN A 349 -6.68 -1.09 2.03
C ASN A 349 -8.09 -1.22 1.46
N ARG A 350 -8.97 -0.29 1.81
CA ARG A 350 -10.36 -0.32 1.31
C ARG A 350 -10.33 -0.34 -0.22
N ALA A 351 -9.59 0.59 -0.82
CA ALA A 351 -9.48 0.76 -2.30
C ALA A 351 -8.95 -0.52 -2.95
N GLN A 352 -8.01 -1.20 -2.30
CA GLN A 352 -7.50 -2.48 -2.83
C GLN A 352 -8.62 -3.52 -2.80
N TRP A 353 -9.50 -3.51 -1.79
CA TRP A 353 -10.60 -4.51 -1.78
C TRP A 353 -11.61 -4.13 -2.86
N GLU A 354 -11.88 -2.84 -3.01
CA GLU A 354 -12.82 -2.39 -4.07
C GLU A 354 -12.28 -2.81 -5.44
N ARG A 355 -10.95 -2.81 -5.60
CA ARG A 355 -10.34 -3.24 -6.88
C ARG A 355 -10.56 -4.73 -7.04
N VAL A 356 -10.50 -5.49 -5.95
CA VAL A 356 -10.74 -6.96 -6.02
C VAL A 356 -12.17 -7.17 -6.53
N LEU A 357 -13.11 -6.35 -6.04
CA LEU A 357 -14.51 -6.41 -6.49
C LEU A 357 -14.61 -6.04 -7.96
N GLU A 358 -14.13 -4.84 -8.32
CA GLU A 358 -14.25 -4.25 -9.68
C GLU A 358 -13.77 -5.23 -10.76
N THR A 359 -12.83 -6.12 -10.44
CA THR A 359 -12.40 -7.29 -11.24
C THR A 359 -13.09 -8.51 -10.62
N VAL B 28 -19.22 13.21 -20.88
CA VAL B 28 -20.36 14.13 -20.56
C VAL B 28 -19.79 15.38 -19.86
N THR B 29 -19.07 15.22 -18.74
CA THR B 29 -18.62 16.32 -17.83
C THR B 29 -17.62 17.23 -18.56
N ALA B 30 -17.92 18.53 -18.68
CA ALA B 30 -17.00 19.53 -19.27
C ALA B 30 -15.99 19.99 -18.21
N ILE B 31 -14.99 20.78 -18.63
CA ILE B 31 -13.89 21.32 -17.78
C ILE B 31 -14.24 22.79 -17.43
N THR B 32 -14.33 23.02 -16.13
CA THR B 32 -14.73 24.33 -15.60
C THR B 32 -13.56 25.30 -15.72
N LYS B 33 -13.85 26.59 -15.68
CA LYS B 33 -12.83 27.66 -15.80
C LYS B 33 -11.92 27.67 -14.57
N VAL B 34 -12.40 27.23 -13.41
CA VAL B 34 -11.56 27.17 -12.19
C VAL B 34 -10.54 26.05 -12.37
N GLU B 35 -10.99 24.91 -12.89
CA GLU B 35 -10.10 23.74 -13.18
C GLU B 35 -8.94 24.24 -14.04
N ARG B 36 -9.21 25.09 -15.05
CA ARG B 36 -8.19 25.66 -15.96
C ARG B 36 -7.28 26.65 -15.21
N GLU B 37 -7.87 27.58 -14.45
CA GLU B 37 -7.10 28.66 -13.77
C GLU B 37 -6.13 28.03 -12.75
N ALA B 38 -6.53 26.92 -12.10
CA ALA B 38 -5.75 26.23 -11.07
C ALA B 38 -4.44 25.65 -11.66
N VAL B 39 -4.38 25.52 -12.99
CA VAL B 39 -3.17 25.06 -13.73
C VAL B 39 -2.39 26.29 -14.22
N LEU B 40 -3.06 27.23 -14.87
CA LEU B 40 -2.42 28.44 -15.42
C LEU B 40 -1.68 29.24 -14.35
N VAL B 41 -1.98 29.01 -13.08
CA VAL B 41 -1.30 29.81 -12.01
C VAL B 41 0.06 29.22 -11.71
N CYS B 42 0.33 27.99 -12.13
CA CYS B 42 1.67 27.43 -11.83
C CYS B 42 2.69 28.14 -12.72
N GLU B 43 3.89 28.42 -12.20
CA GLU B 43 4.88 29.16 -13.02
C GLU B 43 6.17 28.34 -13.12
N LEU B 44 6.24 27.27 -12.33
CA LEU B 44 7.38 26.30 -12.43
C LEU B 44 8.72 27.03 -12.39
N PRO B 45 8.92 27.91 -11.39
CA PRO B 45 10.16 28.68 -11.28
C PRO B 45 11.30 27.72 -10.90
N SER B 46 12.44 27.85 -11.57
CA SER B 46 13.69 27.06 -11.30
C SER B 46 13.65 25.73 -12.07
N PHE B 47 12.66 25.51 -12.93
CA PHE B 47 12.47 24.26 -13.70
C PHE B 47 12.63 24.57 -15.19
N ASP B 48 13.45 23.78 -15.88
CA ASP B 48 13.44 23.77 -17.36
C ASP B 48 12.77 22.46 -17.79
N VAL B 49 11.52 22.53 -18.25
CA VAL B 49 10.72 21.33 -18.66
C VAL B 49 11.44 20.60 -19.81
N THR B 50 12.25 21.31 -20.62
CA THR B 50 12.85 20.76 -21.85
C THR B 50 14.17 20.07 -21.54
N ASP B 51 14.61 19.98 -20.30
CA ASP B 51 16.01 19.54 -20.04
C ASP B 51 15.96 18.06 -19.74
N VAL B 52 17.04 17.32 -20.05
CA VAL B 52 17.16 15.86 -19.80
C VAL B 52 17.38 15.54 -18.31
N GLU B 53 17.78 16.55 -17.53
CA GLU B 53 18.13 16.38 -16.08
C GLU B 53 16.88 16.67 -15.24
N PHE B 54 15.89 17.32 -15.83
CA PHE B 54 14.62 17.75 -15.19
C PHE B 54 14.02 16.61 -14.36
N ASP B 55 13.52 17.01 -13.17
CA ASP B 55 13.12 16.15 -12.02
C ASP B 55 11.65 16.40 -11.68
N LEU B 56 10.76 15.54 -12.19
CA LEU B 56 9.30 15.58 -11.91
C LEU B 56 9.03 15.37 -10.40
N PHE B 57 9.77 14.47 -9.74
CA PHE B 57 9.70 14.22 -8.27
C PHE B 57 10.00 15.51 -7.49
N ARG B 58 11.00 16.29 -7.91
CA ARG B 58 11.31 17.62 -7.31
C ARG B 58 10.12 18.55 -7.58
N ALA B 59 9.56 18.54 -8.79
CA ALA B 59 8.40 19.40 -9.14
C ALA B 59 7.18 18.98 -8.30
N ARG B 60 7.04 17.70 -8.02
CA ARG B 60 5.87 17.20 -7.25
C ARG B 60 5.97 17.76 -5.83
N GLU B 61 7.17 17.70 -5.27
CA GLU B 61 7.52 18.21 -3.93
C GLU B 61 7.27 19.71 -3.89
N SER B 62 7.62 20.41 -4.97
CA SER B 62 7.55 21.88 -5.11
C SER B 62 6.29 22.53 -4.53
N THR B 63 5.11 21.96 -4.76
CA THR B 63 3.85 22.56 -4.25
C THR B 63 3.03 21.49 -3.52
N ASP B 64 1.86 21.86 -3.03
CA ASP B 64 0.94 20.90 -2.36
C ASP B 64 -0.17 20.54 -3.35
N LYS B 65 0.06 20.81 -4.63
CA LYS B 65 -0.90 20.52 -5.72
C LYS B 65 -0.11 19.90 -6.88
N PRO B 66 0.54 18.73 -6.69
CA PRO B 66 1.34 18.15 -7.74
C PRO B 66 0.53 17.91 -9.02
N LEU B 67 -0.73 17.53 -8.87
CA LEU B 67 -1.59 17.26 -10.05
C LEU B 67 -1.71 18.51 -10.92
N ASP B 68 -1.68 19.70 -10.34
CA ASP B 68 -1.80 20.97 -11.11
C ASP B 68 -0.41 21.32 -11.68
N VAL B 69 0.66 20.96 -10.96
CA VAL B 69 2.03 21.21 -11.48
C VAL B 69 2.25 20.27 -12.66
N ALA B 70 1.98 18.98 -12.47
CA ALA B 70 2.04 17.93 -13.53
C ALA B 70 1.35 18.45 -14.80
N ALA B 71 0.11 18.94 -14.70
CA ALA B 71 -0.67 19.41 -15.88
C ALA B 71 0.04 20.59 -16.53
N ALA B 72 0.50 21.52 -15.70
CA ALA B 72 1.24 22.71 -16.11
C ALA B 72 2.45 22.31 -16.96
N ILE B 73 3.20 21.31 -16.49
CA ILE B 73 4.41 20.78 -17.18
C ILE B 73 4.01 20.31 -18.59
N ALA B 74 2.98 19.45 -18.73
CA ALA B 74 2.47 18.94 -20.02
C ALA B 74 2.05 20.13 -20.90
N TYR B 75 1.38 21.13 -20.33
CA TYR B 75 0.84 22.30 -21.08
C TYR B 75 1.99 23.11 -21.70
N ARG B 76 3.04 23.40 -20.92
CA ARG B 76 4.13 24.25 -21.43
C ARG B 76 5.01 23.43 -22.39
N LEU B 77 5.10 22.13 -22.17
CA LEU B 77 5.85 21.28 -23.12
C LEU B 77 5.14 21.38 -24.47
N LEU B 78 3.82 21.21 -24.48
CA LEU B 78 3.08 21.22 -25.76
C LEU B 78 3.13 22.61 -26.41
N LEU B 79 2.89 23.68 -25.67
CA LEU B 79 2.92 25.06 -26.23
C LEU B 79 4.35 25.40 -26.67
N GLY B 80 5.31 25.02 -25.85
CA GLY B 80 6.76 25.21 -26.07
C GLY B 80 7.17 24.74 -27.46
N SER B 81 6.61 23.61 -27.90
CA SER B 81 6.94 22.93 -29.18
C SER B 81 6.46 23.77 -30.37
N GLY B 82 5.51 24.66 -30.14
CA GLY B 82 4.91 25.47 -31.22
C GLY B 82 3.98 24.66 -32.10
N LEU B 83 3.74 23.38 -31.77
CA LEU B 83 3.03 22.40 -32.64
C LEU B 83 1.51 22.56 -32.56
N PRO B 84 0.88 22.66 -31.37
CA PRO B 84 -0.57 22.80 -31.27
C PRO B 84 -1.12 23.98 -32.07
N GLN B 85 -0.52 25.16 -31.95
CA GLN B 85 -0.99 26.37 -32.67
C GLN B 85 -0.95 26.14 -34.18
N LYS B 86 0.07 25.44 -34.67
CA LYS B 86 0.22 25.10 -36.11
C LYS B 86 -0.87 24.14 -36.61
N PHE B 87 -1.54 23.41 -35.72
CA PHE B 87 -2.58 22.43 -36.13
C PHE B 87 -4.00 22.88 -35.74
N GLY B 88 -4.19 24.12 -35.31
CA GLY B 88 -5.52 24.72 -35.05
C GLY B 88 -6.06 24.39 -33.67
N CYS B 89 -5.23 23.86 -32.79
CA CYS B 89 -5.60 23.51 -31.41
C CYS B 89 -5.31 24.69 -30.50
N SER B 90 -6.36 25.34 -29.99
CA SER B 90 -6.27 26.55 -29.13
C SER B 90 -5.61 26.17 -27.80
N ASP B 91 -5.18 27.17 -27.03
CA ASP B 91 -4.62 27.00 -25.67
C ASP B 91 -5.68 26.34 -24.79
N GLU B 92 -6.95 26.70 -24.99
CA GLU B 92 -8.11 26.23 -24.19
C GLU B 92 -8.34 24.75 -24.46
N VAL B 93 -8.43 24.32 -25.74
CA VAL B 93 -8.72 22.89 -26.14
C VAL B 93 -7.58 21.98 -25.63
N LEU B 94 -6.34 22.49 -25.63
CA LEU B 94 -5.15 21.72 -25.22
C LEU B 94 -5.23 21.47 -23.71
N LEU B 95 -5.56 22.50 -22.93
CA LEU B 95 -5.59 22.40 -21.44
C LEU B 95 -6.81 21.54 -21.04
N ASN B 96 -7.93 21.62 -21.77
CA ASN B 96 -9.10 20.73 -21.52
C ASN B 96 -8.71 19.27 -21.72
N PHE B 97 -8.07 18.98 -22.85
CA PHE B 97 -7.57 17.63 -23.22
C PHE B 97 -6.72 17.09 -22.07
N ILE B 98 -5.77 17.90 -21.62
CA ILE B 98 -4.82 17.51 -20.55
C ILE B 98 -5.60 17.18 -19.28
N LEU B 99 -6.62 17.96 -18.90
CA LEU B 99 -7.34 17.74 -17.61
C LEU B 99 -8.34 16.57 -17.76
N GLN B 100 -8.92 16.39 -18.93
CA GLN B 100 -9.72 15.18 -19.22
C GLN B 100 -8.87 13.92 -19.06
N CYS B 101 -7.65 13.89 -19.62
CA CYS B 101 -6.73 12.74 -19.43
C CYS B 101 -6.44 12.58 -17.94
N ARG B 102 -6.24 13.69 -17.24
CA ARG B 102 -5.89 13.67 -15.81
C ARG B 102 -7.00 12.98 -15.02
N LYS B 103 -8.26 13.36 -15.27
CA LYS B 103 -9.45 12.76 -14.61
C LYS B 103 -9.43 11.24 -14.80
N LYS B 104 -8.89 10.71 -15.90
CA LYS B 104 -8.99 9.24 -16.17
C LYS B 104 -7.81 8.48 -15.59
N TYR B 105 -6.85 9.12 -14.90
CA TYR B 105 -5.77 8.35 -14.23
C TYR B 105 -6.18 8.15 -12.78
N ARG B 106 -5.83 6.97 -12.28
CA ARG B 106 -6.13 6.52 -10.92
C ARG B 106 -4.97 6.82 -10.00
N ASN B 107 -5.19 6.60 -8.72
CA ASN B 107 -4.20 6.86 -7.66
C ASN B 107 -3.47 5.55 -7.41
N VAL B 108 -2.78 5.01 -8.41
CA VAL B 108 -1.92 3.79 -8.26
C VAL B 108 -0.48 4.28 -8.09
N PRO B 109 0.41 3.42 -7.58
CA PRO B 109 1.79 3.83 -7.35
C PRO B 109 2.54 4.28 -8.61
N TYR B 110 2.46 3.55 -9.74
CA TYR B 110 3.28 3.85 -10.94
C TYR B 110 2.45 4.35 -12.13
N HIS B 111 1.54 3.55 -12.67
CA HIS B 111 0.78 3.95 -13.89
C HIS B 111 -0.26 5.03 -13.56
N ASN B 112 0.20 6.19 -13.06
CA ASN B 112 -0.70 7.32 -12.69
C ASN B 112 -0.42 8.48 -13.64
N PHE B 113 -0.97 9.67 -13.41
CA PHE B 113 -0.83 10.82 -14.35
C PHE B 113 0.64 11.29 -14.37
N TYR B 114 1.43 11.03 -13.32
CA TYR B 114 2.84 11.49 -13.24
C TYR B 114 3.68 10.72 -14.26
N HIS B 115 3.47 9.41 -14.36
CA HIS B 115 4.10 8.53 -15.39
C HIS B 115 3.87 9.08 -16.80
N VAL B 116 2.67 9.54 -17.13
CA VAL B 116 2.42 9.85 -18.55
C VAL B 116 2.96 11.24 -18.82
N VAL B 117 3.00 12.09 -17.80
CA VAL B 117 3.59 13.46 -17.94
C VAL B 117 5.09 13.30 -18.14
N ASP B 118 5.69 12.40 -17.36
CA ASP B 118 7.10 11.95 -17.50
C ASP B 118 7.33 11.53 -18.95
N VAL B 119 6.53 10.57 -19.45
CA VAL B 119 6.76 9.97 -20.79
C VAL B 119 6.63 11.10 -21.81
N CYS B 120 5.74 12.06 -21.59
CA CYS B 120 5.58 13.21 -22.51
C CYS B 120 6.87 14.06 -22.50
N GLN B 121 7.35 14.41 -21.30
CA GLN B 121 8.59 15.21 -21.08
C GLN B 121 9.79 14.47 -21.66
N THR B 122 9.88 13.18 -21.40
CA THR B 122 10.99 12.33 -21.90
C THR B 122 10.98 12.37 -23.44
N ILE B 123 9.83 12.11 -24.08
CA ILE B 123 9.71 12.09 -25.55
C ILE B 123 10.12 13.45 -26.11
N HIS B 124 9.75 14.54 -25.44
CA HIS B 124 10.16 15.91 -25.83
C HIS B 124 11.68 16.01 -25.86
N THR B 125 12.40 15.42 -24.90
CA THR B 125 13.89 15.42 -24.94
C THR B 125 14.38 14.58 -26.13
N PHE B 126 13.84 13.37 -26.31
CA PHE B 126 14.26 12.48 -27.42
C PHE B 126 14.10 13.25 -28.75
N LEU B 127 12.99 13.96 -28.90
CA LEU B 127 12.70 14.69 -30.15
C LEU B 127 13.71 15.83 -30.32
N TYR B 128 13.83 16.71 -29.32
CA TYR B 128 14.46 18.04 -29.49
C TYR B 128 15.91 18.09 -29.00
N ARG B 129 16.29 17.36 -27.94
CA ARG B 129 17.69 17.22 -27.48
C ARG B 129 18.36 16.09 -28.27
N GLY B 130 17.61 15.06 -28.62
CA GLY B 130 18.12 13.88 -29.36
C GLY B 130 18.05 14.08 -30.85
N ASN B 131 17.38 15.15 -31.33
CA ASN B 131 17.14 15.50 -32.75
C ASN B 131 16.42 14.35 -33.50
N VAL B 132 15.59 13.58 -32.81
CA VAL B 132 14.72 12.59 -33.49
C VAL B 132 13.63 13.34 -34.26
N TYR B 133 13.37 14.60 -33.94
CA TYR B 133 12.41 15.40 -34.74
C TYR B 133 12.80 15.38 -36.24
N GLU B 134 14.09 15.35 -36.59
CA GLU B 134 14.54 15.48 -38.01
C GLU B 134 13.97 14.30 -38.79
N LYS B 135 13.69 13.18 -38.11
CA LYS B 135 13.19 11.91 -38.71
C LYS B 135 11.67 11.97 -38.94
N LEU B 136 10.94 12.95 -38.37
CA LEU B 136 9.45 12.96 -38.35
C LEU B 136 8.89 14.29 -38.90
N THR B 137 7.66 14.29 -39.36
CA THR B 137 6.94 15.53 -39.73
C THR B 137 6.54 16.24 -38.44
N GLU B 138 6.03 17.45 -38.57
CA GLU B 138 5.59 18.18 -37.36
C GLU B 138 4.37 17.46 -36.78
N LEU B 139 3.44 17.02 -37.63
CA LEU B 139 2.21 16.34 -37.14
C LEU B 139 2.66 15.15 -36.29
N GLU B 140 3.49 14.28 -36.83
CA GLU B 140 4.00 13.11 -36.08
C GLU B 140 4.53 13.57 -34.72
N CYS B 141 5.38 14.60 -34.64
CA CYS B 141 5.91 15.07 -33.32
C CYS B 141 4.75 15.43 -32.35
N PHE B 142 3.76 16.18 -32.84
CA PHE B 142 2.55 16.64 -32.13
C PHE B 142 1.77 15.42 -31.63
N VAL B 143 1.50 14.46 -32.51
CA VAL B 143 0.73 13.24 -32.17
C VAL B 143 1.47 12.53 -31.06
N LEU B 144 2.79 12.40 -31.17
CA LEU B 144 3.60 11.65 -30.19
C LEU B 144 3.48 12.33 -28.81
N LEU B 145 3.60 13.66 -28.73
CA LEU B 145 3.51 14.34 -27.41
C LEU B 145 2.10 14.11 -26.85
N ILE B 146 1.05 14.20 -27.69
CA ILE B 146 -0.35 13.97 -27.29
C ILE B 146 -0.47 12.53 -26.83
N THR B 147 0.00 11.58 -27.63
CA THR B 147 -0.16 10.14 -27.36
C THR B 147 0.43 9.78 -26.00
N ALA B 148 1.53 10.41 -25.60
CA ALA B 148 2.15 10.20 -24.28
C ALA B 148 1.08 10.28 -23.19
N LEU B 149 0.16 11.21 -23.32
CA LEU B 149 -0.76 11.55 -22.21
C LEU B 149 -1.96 10.61 -22.23
N VAL B 150 -2.17 9.84 -23.31
CA VAL B 150 -3.33 8.89 -23.39
C VAL B 150 -2.88 7.45 -23.17
N HIS B 151 -1.58 7.17 -23.19
CA HIS B 151 -1.04 5.82 -23.51
C HIS B 151 -1.34 4.84 -22.36
N ASP B 152 -1.70 5.35 -21.18
CA ASP B 152 -2.00 4.47 -20.02
C ASP B 152 -3.25 4.97 -19.28
N LEU B 153 -4.27 5.43 -20.01
CA LEU B 153 -5.52 5.90 -19.33
C LEU B 153 -6.22 4.75 -18.59
N ASP B 154 -6.58 5.01 -17.32
CA ASP B 154 -7.48 4.16 -16.52
C ASP B 154 -6.78 2.84 -16.22
N HIS B 155 -5.46 2.85 -16.13
CA HIS B 155 -4.65 1.72 -15.59
C HIS B 155 -5.01 1.51 -14.11
N MET B 156 -5.23 0.28 -13.67
CA MET B 156 -5.61 -0.02 -12.27
C MET B 156 -4.40 -0.60 -11.54
N GLY B 157 -3.25 -0.65 -12.22
CA GLY B 157 -1.99 -1.14 -11.65
C GLY B 157 -1.84 -2.64 -11.79
N LEU B 158 -2.63 -3.24 -12.68
CA LEU B 158 -2.57 -4.69 -12.99
C LEU B 158 -2.22 -4.84 -14.47
N ASN B 159 -1.43 -5.85 -14.81
CA ASN B 159 -0.99 -6.03 -16.23
C ASN B 159 -1.95 -6.93 -17.00
N ASN B 160 -1.68 -7.13 -18.28
CA ASN B 160 -2.54 -7.93 -19.18
C ASN B 160 -2.69 -9.33 -18.61
N SER B 161 -1.58 -9.93 -18.19
CA SER B 161 -1.55 -11.29 -17.62
C SER B 161 -2.59 -11.45 -16.50
N PHE B 162 -2.66 -10.50 -15.58
CA PHE B 162 -3.61 -10.58 -14.45
C PHE B 162 -5.03 -10.82 -14.95
N TYR B 163 -5.49 -9.99 -15.87
CA TYR B 163 -6.85 -10.05 -16.46
C TYR B 163 -7.09 -11.40 -17.18
N LEU B 164 -6.09 -11.98 -17.85
CA LEU B 164 -6.29 -13.23 -18.64
C LEU B 164 -6.25 -14.44 -17.71
N LYS B 165 -5.32 -14.53 -16.77
CA LYS B 165 -5.18 -15.77 -15.96
C LYS B 165 -6.24 -15.81 -14.83
N THR B 166 -6.79 -14.67 -14.40
CA THR B 166 -7.94 -14.62 -13.46
C THR B 166 -9.29 -14.56 -14.20
N GLU B 167 -9.28 -14.63 -15.52
CA GLU B 167 -10.53 -14.62 -16.30
C GLU B 167 -11.46 -13.52 -15.78
N SER B 168 -10.93 -12.32 -15.59
CA SER B 168 -11.76 -11.17 -15.21
C SER B 168 -12.49 -10.68 -16.47
N PRO B 169 -13.68 -10.06 -16.37
CA PRO B 169 -14.44 -9.59 -17.54
C PRO B 169 -13.66 -8.98 -18.72
N LEU B 170 -12.78 -8.01 -18.47
CA LEU B 170 -11.98 -7.41 -19.57
C LEU B 170 -11.12 -8.50 -20.23
N GLY B 171 -10.53 -9.40 -19.46
CA GLY B 171 -9.73 -10.46 -20.07
C GLY B 171 -10.57 -11.33 -20.97
N ILE B 172 -11.76 -11.69 -20.52
CA ILE B 172 -12.70 -12.55 -21.30
C ILE B 172 -13.05 -11.83 -22.60
N LEU B 173 -13.44 -10.57 -22.54
CA LEU B 173 -13.80 -9.81 -23.77
C LEU B 173 -12.63 -9.81 -24.77
N SER B 174 -11.40 -9.76 -24.27
CA SER B 174 -10.19 -9.71 -25.12
C SER B 174 -9.94 -11.09 -25.73
N SER B 175 -10.10 -12.16 -24.95
CA SER B 175 -9.96 -13.55 -25.44
C SER B 175 -10.95 -13.75 -26.59
N ALA B 176 -12.21 -13.40 -26.34
CA ALA B 176 -13.36 -13.52 -27.28
C ALA B 176 -13.05 -12.79 -28.60
N SER B 177 -12.54 -11.57 -28.57
CA SER B 177 -12.41 -10.69 -29.75
C SER B 177 -11.06 -10.84 -30.47
N GLY B 178 -10.14 -11.71 -30.02
CA GLY B 178 -8.85 -11.99 -30.69
C GLY B 178 -7.62 -11.28 -30.10
N ASN B 179 -7.75 -10.08 -29.50
CA ASN B 179 -6.61 -9.20 -29.10
C ASN B 179 -6.30 -9.40 -27.62
N THR B 180 -5.12 -9.95 -27.30
CA THR B 180 -4.60 -10.20 -25.93
C THR B 180 -4.05 -8.91 -25.26
N SER B 181 -4.06 -7.77 -25.94
CA SER B 181 -3.57 -6.46 -25.42
C SER B 181 -4.71 -5.77 -24.68
N VAL B 182 -5.15 -6.40 -23.59
CA VAL B 182 -6.33 -5.97 -22.79
C VAL B 182 -6.22 -4.47 -22.48
N LEU B 183 -5.12 -4.05 -21.82
CA LEU B 183 -5.00 -2.64 -21.33
C LEU B 183 -4.91 -1.66 -22.50
N GLU B 184 -4.11 -1.98 -23.53
CA GLU B 184 -3.75 -1.01 -24.59
C GLU B 184 -4.99 -0.71 -25.43
N VAL B 185 -5.85 -1.71 -25.66
CA VAL B 185 -7.14 -1.48 -26.35
C VAL B 185 -7.99 -0.60 -25.42
N HIS B 186 -8.06 -0.94 -24.15
CA HIS B 186 -8.82 -0.12 -23.19
C HIS B 186 -8.29 1.32 -23.25
N HIS B 187 -6.98 1.52 -23.23
CA HIS B 187 -6.44 2.92 -23.22
C HIS B 187 -6.93 3.63 -24.48
N CYS B 188 -6.89 2.97 -25.64
CA CYS B 188 -7.23 3.61 -26.94
C CYS B 188 -8.72 3.98 -26.95
N ASN B 189 -9.61 3.06 -26.52
CA ASN B 189 -11.07 3.33 -26.38
C ASN B 189 -11.24 4.65 -25.62
N LEU B 190 -10.61 4.80 -24.46
CA LEU B 190 -10.81 6.04 -23.64
C LEU B 190 -10.20 7.27 -24.32
N ALA B 191 -9.16 7.09 -25.14
CA ALA B 191 -8.52 8.21 -25.87
C ALA B 191 -9.53 8.74 -26.86
N VAL B 192 -10.04 7.83 -27.69
CA VAL B 192 -11.10 8.10 -28.70
C VAL B 192 -12.27 8.80 -27.98
N GLU B 193 -12.67 8.36 -26.79
CA GLU B 193 -13.73 9.03 -25.97
C GLU B 193 -13.36 10.49 -25.68
N ILE B 194 -12.18 10.78 -25.12
CA ILE B 194 -11.79 12.18 -24.79
C ILE B 194 -11.80 13.04 -26.07
N LEU B 195 -11.37 12.51 -27.20
CA LEU B 195 -11.19 13.29 -28.45
C LEU B 195 -12.52 13.48 -29.21
N SER B 196 -13.58 12.77 -28.80
CA SER B 196 -14.92 12.89 -29.44
C SER B 196 -15.58 14.21 -29.02
N ASP B 197 -15.28 14.67 -27.81
CA ASP B 197 -15.80 15.97 -27.32
C ASP B 197 -14.95 17.04 -27.98
N PRO B 198 -15.53 17.94 -28.81
CA PRO B 198 -14.79 19.01 -29.48
C PRO B 198 -14.05 20.02 -28.61
N GLU B 199 -14.41 20.15 -27.33
CA GLU B 199 -13.74 21.07 -26.40
C GLU B 199 -12.39 20.49 -25.97
N SER B 200 -12.22 19.18 -26.10
CA SER B 200 -10.93 18.53 -25.78
C SER B 200 -10.39 17.77 -27.00
N ASP B 201 -10.84 18.11 -28.21
CA ASP B 201 -10.34 17.44 -29.43
C ASP B 201 -9.12 18.19 -29.97
N VAL B 202 -7.93 17.75 -29.57
CA VAL B 202 -6.66 18.40 -30.00
C VAL B 202 -6.42 18.16 -31.49
N PHE B 203 -7.17 17.23 -32.13
CA PHE B 203 -7.03 16.97 -33.58
C PHE B 203 -8.19 17.58 -34.39
N ASP B 204 -9.00 18.46 -33.80
CA ASP B 204 -10.23 18.94 -34.49
C ASP B 204 -9.82 19.81 -35.66
N GLY B 205 -8.70 20.54 -35.53
CA GLY B 205 -8.16 21.44 -36.57
C GLY B 205 -7.61 20.68 -37.78
N LEU B 206 -7.60 19.36 -37.74
CA LEU B 206 -7.03 18.54 -38.84
C LEU B 206 -8.14 18.06 -39.76
N GLU B 207 -7.78 17.57 -40.94
CA GLU B 207 -8.77 17.05 -41.90
C GLU B 207 -8.10 16.12 -42.90
N GLY B 208 -8.90 15.37 -43.64
CA GLY B 208 -8.41 14.43 -44.66
C GLY B 208 -7.43 13.43 -44.10
N ALA B 209 -6.38 13.14 -44.86
CA ALA B 209 -5.33 12.18 -44.46
C ALA B 209 -4.68 12.64 -43.14
N GLU B 210 -4.51 13.95 -42.89
CA GLU B 210 -3.88 14.43 -41.63
C GLU B 210 -4.68 13.96 -40.41
N ARG B 211 -6.02 14.10 -40.39
CA ARG B 211 -6.87 13.63 -39.26
C ARG B 211 -6.73 12.10 -39.11
N THR B 212 -6.77 11.35 -40.21
CA THR B 212 -6.72 9.88 -40.20
C THR B 212 -5.37 9.47 -39.61
N LEU B 213 -4.29 10.06 -40.11
CA LEU B 213 -2.91 9.79 -39.63
C LEU B 213 -2.83 10.06 -38.13
N ALA B 214 -3.43 11.13 -37.61
CA ALA B 214 -3.30 11.47 -36.18
C ALA B 214 -3.87 10.33 -35.35
N PHE B 215 -5.10 9.91 -35.66
CA PHE B 215 -5.83 8.84 -34.96
C PHE B 215 -5.10 7.51 -35.23
N ARG B 216 -4.73 7.24 -36.47
CA ARG B 216 -4.13 5.89 -36.78
C ARG B 216 -2.76 5.79 -36.11
N SER B 217 -1.96 6.85 -36.19
CA SER B 217 -0.59 6.82 -35.61
C SER B 217 -0.73 6.75 -34.08
N MET B 218 -1.69 7.48 -33.48
CA MET B 218 -1.85 7.47 -32.01
C MET B 218 -2.16 6.05 -31.53
N ILE B 219 -3.17 5.43 -32.17
CA ILE B 219 -3.66 4.06 -31.83
C ILE B 219 -2.49 3.11 -32.08
N ASP B 220 -1.81 3.21 -33.24
CA ASP B 220 -0.66 2.30 -33.55
C ASP B 220 0.35 2.40 -32.40
N CYS B 221 0.74 3.62 -32.00
CA CYS B 221 1.75 3.80 -30.91
C CYS B 221 1.21 3.19 -29.60
N VAL B 222 -0.01 3.50 -29.17
CA VAL B 222 -0.51 2.89 -27.90
C VAL B 222 -0.48 1.36 -27.98
N LEU B 223 -0.96 0.73 -29.06
CA LEU B 223 -0.98 -0.76 -29.17
C LEU B 223 0.45 -1.31 -29.05
N ALA B 224 1.43 -0.61 -29.60
CA ALA B 224 2.86 -0.99 -29.60
C ALA B 224 3.51 -0.99 -28.22
N THR B 225 2.92 -0.32 -27.21
CA THR B 225 3.48 -0.27 -25.83
C THR B 225 3.19 -1.57 -25.05
N ASP B 226 2.43 -2.52 -25.61
CA ASP B 226 2.29 -3.87 -25.00
C ASP B 226 3.68 -4.50 -25.09
N MET B 227 4.27 -4.84 -23.95
CA MET B 227 5.67 -5.35 -23.86
C MET B 227 5.75 -6.76 -24.39
N ALA B 228 4.61 -7.40 -24.65
CA ALA B 228 4.52 -8.68 -25.36
C ALA B 228 5.00 -8.51 -26.81
N LYS B 229 4.79 -7.34 -27.42
CA LYS B 229 5.19 -7.04 -28.83
C LYS B 229 6.54 -6.36 -28.86
N HIS B 230 7.28 -6.41 -27.75
CA HIS B 230 8.57 -5.70 -27.64
C HIS B 230 9.56 -6.17 -28.71
N GLY B 231 9.87 -7.46 -28.75
CA GLY B 231 10.83 -7.95 -29.73
C GLY B 231 10.43 -7.59 -31.15
N SER B 232 9.19 -7.86 -31.52
CA SER B 232 8.68 -7.61 -32.89
C SER B 232 8.80 -6.14 -33.25
N ALA B 233 8.42 -5.25 -32.35
CA ALA B 233 8.51 -3.80 -32.61
C ALA B 233 9.97 -3.45 -32.91
N LEU B 234 10.88 -3.93 -32.08
CA LEU B 234 12.32 -3.64 -32.24
C LEU B 234 12.83 -4.15 -33.58
N GLU B 235 12.44 -5.37 -33.94
CA GLU B 235 12.93 -6.07 -35.16
C GLU B 235 12.40 -5.30 -36.38
N ALA B 236 11.12 -4.95 -36.41
CA ALA B 236 10.46 -4.19 -37.49
C ALA B 236 11.09 -2.78 -37.63
N PHE B 237 11.39 -2.10 -36.53
CA PHE B 237 12.04 -0.77 -36.58
C PHE B 237 13.44 -0.90 -37.21
N LEU B 238 14.31 -1.77 -36.68
CA LEU B 238 15.70 -1.94 -37.13
C LEU B 238 15.69 -2.27 -38.62
N ALA B 239 14.77 -3.15 -39.03
CA ALA B 239 14.62 -3.61 -40.43
C ALA B 239 14.24 -2.41 -41.31
N SER B 240 13.24 -1.63 -40.89
CA SER B 240 12.72 -0.47 -41.65
C SER B 240 13.76 0.66 -41.71
N ALA B 241 14.83 0.58 -40.91
CA ALA B 241 15.86 1.63 -40.73
C ALA B 241 17.16 1.25 -41.44
N ALA B 242 17.32 -0.06 -41.71
CA ALA B 242 18.45 -0.64 -42.46
C ALA B 242 18.30 -0.26 -43.93
N ASP B 243 17.11 0.18 -44.34
CA ASP B 243 16.85 0.63 -45.73
C ASP B 243 16.17 2.02 -45.75
N GLN B 244 15.15 2.30 -44.93
CA GLN B 244 14.48 3.63 -44.79
C GLN B 244 13.89 4.08 -46.13
N SER B 245 14.75 4.65 -47.00
CA SER B 245 14.51 4.91 -48.44
C SER B 245 14.25 3.57 -49.13
N SER B 246 12.99 3.29 -49.41
CA SER B 246 12.44 1.99 -49.88
C SER B 246 11.04 1.81 -49.28
N ASP B 247 10.84 2.28 -48.03
CA ASP B 247 9.49 2.35 -47.41
C ASP B 247 9.45 3.47 -46.35
N GLU B 248 9.30 4.71 -46.79
CA GLU B 248 9.47 5.91 -45.93
C GLU B 248 8.31 5.96 -44.93
N ALA B 249 7.10 5.56 -45.32
CA ALA B 249 5.91 5.66 -44.44
C ALA B 249 6.03 4.60 -43.32
N ALA B 250 6.46 3.40 -43.66
CA ALA B 250 6.72 2.38 -42.64
C ALA B 250 7.68 2.95 -41.58
N PHE B 251 8.77 3.58 -42.04
CA PHE B 251 9.87 4.05 -41.18
C PHE B 251 9.34 5.11 -40.21
N HIS B 252 8.57 6.07 -40.70
CA HIS B 252 7.93 7.12 -39.89
C HIS B 252 7.12 6.45 -38.77
N ARG B 253 6.31 5.46 -39.13
CA ARG B 253 5.34 4.85 -38.20
C ARG B 253 6.13 4.06 -37.15
N MET B 254 7.15 3.32 -37.58
CA MET B 254 7.97 2.45 -36.64
C MET B 254 8.80 3.34 -35.69
N THR B 255 9.19 4.53 -36.14
CA THR B 255 10.01 5.52 -35.39
C THR B 255 9.12 6.09 -34.30
N MET B 256 7.88 6.46 -34.62
CA MET B 256 6.86 6.91 -33.62
C MET B 256 6.63 5.82 -32.56
N GLU B 257 6.40 4.59 -32.99
CA GLU B 257 6.15 3.48 -32.05
C GLU B 257 7.37 3.27 -31.15
N ILE B 258 8.57 3.36 -31.73
CA ILE B 258 9.83 3.12 -30.99
C ILE B 258 10.09 4.23 -29.98
N ILE B 259 9.74 5.47 -30.31
CA ILE B 259 9.96 6.61 -29.39
C ILE B 259 9.01 6.51 -28.18
N LEU B 260 7.74 6.20 -28.42
CA LEU B 260 6.77 6.04 -27.33
C LEU B 260 7.24 4.85 -26.49
N LYS B 261 7.63 3.74 -27.13
CA LYS B 261 8.21 2.59 -26.36
C LYS B 261 9.40 3.07 -25.53
N ALA B 262 10.29 3.85 -26.14
CA ALA B 262 11.52 4.35 -25.48
C ALA B 262 11.17 5.21 -24.25
N GLY B 263 10.25 6.15 -24.41
CA GLY B 263 9.73 6.99 -23.33
C GLY B 263 9.14 6.15 -22.22
N ASP B 264 8.48 5.05 -22.58
CA ASP B 264 7.76 4.20 -21.61
C ASP B 264 8.79 3.46 -20.74
N ILE B 265 9.96 3.14 -21.28
CA ILE B 265 10.99 2.42 -20.47
C ILE B 265 12.21 3.31 -20.23
N SER B 266 11.99 4.62 -20.16
CA SER B 266 13.02 5.68 -20.09
C SER B 266 13.47 5.95 -18.64
N ASN B 267 12.85 5.29 -17.66
CA ASN B 267 13.16 5.53 -16.23
C ASN B 267 14.64 5.25 -15.94
N VAL B 268 15.21 4.19 -16.52
CA VAL B 268 16.62 3.82 -16.25
C VAL B 268 17.58 4.76 -16.97
N THR B 269 17.12 5.73 -17.78
CA THR B 269 18.00 6.66 -18.52
C THR B 269 18.11 8.00 -17.79
N LYS B 270 17.64 8.09 -16.55
CA LYS B 270 17.54 9.38 -15.81
C LYS B 270 18.66 9.50 -14.79
N PRO B 271 18.91 10.73 -14.27
CA PRO B 271 19.82 10.94 -13.15
C PRO B 271 19.44 10.00 -12.01
N PHE B 272 20.42 9.26 -11.48
CA PHE B 272 20.17 8.07 -10.63
C PHE B 272 19.14 8.39 -9.55
N ASP B 273 19.15 9.59 -8.98
CA ASP B 273 18.22 9.91 -7.86
C ASP B 273 16.78 9.70 -8.35
N ILE B 274 16.49 10.21 -9.54
CA ILE B 274 15.16 10.14 -10.22
C ILE B 274 14.91 8.69 -10.63
N SER B 275 15.87 8.06 -11.27
CA SER B 275 15.76 6.63 -11.66
C SER B 275 15.29 5.81 -10.45
N ARG B 276 15.84 6.09 -9.25
CA ARG B 276 15.65 5.25 -8.02
C ARG B 276 14.18 5.35 -7.61
N GLN B 277 13.65 6.57 -7.65
CA GLN B 277 12.30 6.91 -7.18
C GLN B 277 11.25 6.22 -8.06
N TRP B 278 11.39 6.31 -9.39
CA TRP B 278 10.62 5.51 -10.37
C TRP B 278 10.64 4.01 -10.03
N ALA B 279 11.81 3.45 -9.81
CA ALA B 279 11.97 1.99 -9.53
C ALA B 279 11.18 1.61 -8.26
N MET B 280 11.13 2.53 -7.28
CA MET B 280 10.45 2.26 -6.00
C MET B 280 8.95 2.17 -6.29
N ALA B 281 8.43 3.15 -7.02
CA ALA B 281 7.01 3.25 -7.43
C ALA B 281 6.62 2.00 -8.25
N VAL B 282 7.33 1.66 -9.33
CA VAL B 282 6.97 0.46 -10.16
C VAL B 282 7.03 -0.79 -9.28
N THR B 283 7.95 -0.88 -8.32
CA THR B 283 8.12 -2.10 -7.48
C THR B 283 6.91 -2.23 -6.54
N GLU B 284 6.47 -1.12 -5.95
CA GLU B 284 5.28 -1.11 -5.08
C GLU B 284 4.07 -1.57 -5.92
N GLU B 285 3.98 -1.13 -7.18
CA GLU B 285 2.80 -1.45 -8.04
C GLU B 285 2.78 -2.96 -8.36
N PHE B 286 3.89 -3.54 -8.77
CA PHE B 286 3.98 -5.00 -9.02
C PHE B 286 3.60 -5.79 -7.76
N TYR B 287 4.02 -5.29 -6.58
CA TYR B 287 3.92 -6.03 -5.31
C TYR B 287 2.44 -6.12 -4.90
N ARG B 288 1.69 -5.07 -5.23
CA ARG B 288 0.23 -4.96 -5.03
C ARG B 288 -0.46 -5.95 -5.99
N GLN B 289 -0.02 -6.02 -7.26
CA GLN B 289 -0.54 -7.08 -8.17
C GLN B 289 -0.29 -8.43 -7.50
N GLY B 290 0.91 -8.64 -6.96
CA GLY B 290 1.27 -9.91 -6.30
C GLY B 290 0.30 -10.26 -5.16
N ASP B 291 -0.09 -9.26 -4.36
CA ASP B 291 -1.02 -9.41 -3.21
C ASP B 291 -2.41 -9.79 -3.71
N MET B 292 -2.92 -9.08 -4.71
CA MET B 292 -4.25 -9.39 -5.31
C MET B 292 -4.24 -10.78 -5.95
N GLU B 293 -3.14 -11.20 -6.55
CA GLU B 293 -3.05 -12.59 -7.08
C GLU B 293 -3.16 -13.59 -5.91
N LYS B 294 -2.49 -13.30 -4.81
CA LYS B 294 -2.58 -14.24 -3.67
C LYS B 294 -4.04 -14.34 -3.23
N GLU B 295 -4.77 -13.23 -3.30
CA GLU B 295 -6.20 -13.21 -2.89
C GLU B 295 -7.03 -14.07 -3.84
N ARG B 296 -6.70 -14.05 -5.13
CA ARG B 296 -7.45 -14.84 -6.14
C ARG B 296 -6.95 -16.29 -6.12
N GLY B 297 -5.94 -16.64 -5.29
CA GLY B 297 -5.25 -17.95 -5.34
C GLY B 297 -4.75 -18.31 -6.75
N VAL B 298 -4.12 -17.39 -7.47
CA VAL B 298 -3.43 -17.72 -8.76
C VAL B 298 -1.92 -17.75 -8.49
N GLU B 299 -1.15 -18.14 -9.52
CA GLU B 299 0.35 -18.10 -9.54
C GLU B 299 0.80 -16.64 -9.38
N VAL B 300 1.75 -16.40 -8.48
CA VAL B 300 2.45 -15.08 -8.40
C VAL B 300 3.91 -15.28 -8.86
N LEU B 301 4.29 -14.63 -9.96
CA LEU B 301 5.70 -14.70 -10.45
C LEU B 301 6.58 -13.99 -9.43
N PRO B 302 7.85 -14.43 -9.29
CA PRO B 302 8.79 -13.87 -8.32
C PRO B 302 8.90 -12.35 -8.31
N MET B 303 8.78 -11.71 -9.46
CA MET B 303 8.94 -10.24 -9.62
C MET B 303 7.75 -9.45 -9.06
N PHE B 304 6.64 -10.10 -8.72
CA PHE B 304 5.45 -9.42 -8.15
C PHE B 304 5.27 -9.82 -6.68
N ASP B 305 6.13 -10.70 -6.17
CA ASP B 305 6.00 -11.27 -4.80
C ASP B 305 6.71 -10.36 -3.79
N ARG B 306 6.28 -10.39 -2.53
CA ARG B 306 6.88 -9.58 -1.45
C ARG B 306 7.59 -10.51 -0.45
N SER B 307 7.30 -11.81 -0.54
CA SER B 307 7.91 -12.81 0.36
C SER B 307 9.34 -13.15 -0.12
N LYS B 308 9.61 -12.91 -1.40
CA LYS B 308 10.95 -13.17 -1.99
C LYS B 308 11.95 -12.14 -1.47
N ASN B 309 11.46 -10.93 -1.17
CA ASN B 309 12.29 -9.82 -0.64
C ASN B 309 13.47 -9.56 -1.59
N MET B 310 13.19 -9.50 -2.90
CA MET B 310 14.26 -9.24 -3.91
C MET B 310 14.73 -7.79 -3.74
N GLU B 311 16.04 -7.58 -3.60
CA GLU B 311 16.59 -6.20 -3.41
C GLU B 311 16.18 -5.34 -4.62
N LEU B 312 15.72 -4.11 -4.40
CA LEU B 312 15.37 -3.15 -5.48
C LEU B 312 16.47 -3.12 -6.57
N ALA B 313 17.74 -3.14 -6.15
CA ALA B 313 18.93 -3.02 -7.02
C ALA B 313 19.09 -4.24 -7.93
N LYS B 314 18.68 -5.44 -7.51
CA LYS B 314 18.81 -6.69 -8.31
C LYS B 314 17.80 -6.68 -9.48
N GLY B 315 16.68 -5.97 -9.31
CA GLY B 315 15.61 -5.95 -10.32
C GLY B 315 15.96 -4.97 -11.42
N GLN B 316 16.39 -3.76 -11.05
CA GLN B 316 16.87 -2.70 -11.98
C GLN B 316 18.05 -3.23 -12.82
N ILE B 317 19.04 -3.88 -12.21
CA ILE B 317 20.19 -4.49 -12.95
C ILE B 317 19.63 -5.52 -13.93
N GLY B 318 18.72 -6.39 -13.49
CA GLY B 318 18.04 -7.36 -14.38
C GLY B 318 17.34 -6.65 -15.53
N PHE B 319 16.62 -5.59 -15.24
CA PHE B 319 15.74 -4.92 -16.24
C PHE B 319 16.65 -4.19 -17.23
N ILE B 320 17.73 -3.58 -16.72
CA ILE B 320 18.78 -2.95 -17.55
C ILE B 320 19.42 -3.98 -18.51
N ASP B 321 19.82 -5.16 -18.06
CA ASP B 321 20.62 -6.12 -18.86
C ASP B 321 19.76 -6.84 -19.89
N PHE B 322 18.58 -7.29 -19.49
CA PHE B 322 17.68 -8.12 -20.35
C PHE B 322 16.78 -7.27 -21.24
N VAL B 323 16.44 -6.03 -20.86
CA VAL B 323 15.45 -5.24 -21.64
C VAL B 323 16.09 -3.93 -22.12
N ALA B 324 16.40 -3.01 -21.21
CA ALA B 324 16.61 -1.59 -21.51
C ALA B 324 17.93 -1.36 -22.23
N ALA B 325 19.05 -1.95 -21.75
CA ALA B 325 20.39 -1.69 -22.32
C ALA B 325 20.39 -2.18 -23.77
N PRO B 326 19.97 -3.43 -24.03
CA PRO B 326 19.93 -3.88 -25.42
C PRO B 326 19.10 -2.94 -26.29
N PHE B 327 17.91 -2.57 -25.82
CA PHE B 327 16.90 -1.80 -26.59
C PHE B 327 17.52 -0.46 -26.98
N PHE B 328 17.96 0.34 -26.01
CA PHE B 328 18.55 1.68 -26.24
C PHE B 328 19.83 1.60 -27.09
N GLN B 329 20.69 0.60 -26.90
CA GLN B 329 21.93 0.42 -27.68
C GLN B 329 21.56 0.22 -29.15
N LYS B 330 20.63 -0.68 -29.43
CA LYS B 330 20.27 -1.07 -30.80
C LYS B 330 19.61 0.10 -31.57
N ILE B 331 18.76 0.90 -30.94
CA ILE B 331 18.01 1.97 -31.67
C ILE B 331 18.95 3.15 -31.87
N VAL B 332 19.84 3.40 -30.92
CA VAL B 332 20.84 4.49 -31.04
C VAL B 332 21.82 4.14 -32.17
N ASP B 333 22.30 2.92 -32.19
CA ASP B 333 23.29 2.47 -33.21
C ASP B 333 22.62 2.50 -34.58
N ALA B 334 21.36 2.04 -34.67
CA ALA B 334 20.66 1.80 -35.96
C ALA B 334 20.32 3.12 -36.62
N CYS B 335 20.19 4.20 -35.84
CA CYS B 335 19.50 5.41 -36.34
C CYS B 335 19.69 6.62 -35.42
N LEU B 336 19.43 6.47 -34.13
CA LEU B 336 19.09 7.60 -33.23
C LEU B 336 20.33 8.03 -32.44
N GLN B 337 21.38 8.42 -33.19
CA GLN B 337 22.75 8.77 -32.67
C GLN B 337 22.63 9.88 -31.64
N GLY B 338 21.72 10.83 -31.85
CA GLY B 338 21.53 11.97 -30.92
C GLY B 338 21.12 11.50 -29.54
N MET B 339 20.64 10.26 -29.38
CA MET B 339 20.13 9.72 -28.07
C MET B 339 21.19 8.80 -27.38
N GLN B 340 22.48 9.00 -27.67
CA GLN B 340 23.64 8.25 -27.09
C GLN B 340 23.64 8.34 -25.55
N TRP B 341 23.31 9.51 -24.99
CA TRP B 341 23.32 9.77 -23.52
C TRP B 341 22.45 8.75 -22.76
N THR B 342 21.42 8.18 -23.39
CA THR B 342 20.55 7.16 -22.76
C THR B 342 21.43 5.94 -22.47
N VAL B 343 22.25 5.52 -23.43
CA VAL B 343 23.19 4.37 -23.26
C VAL B 343 24.21 4.74 -22.17
N ASP B 344 24.73 5.96 -22.22
CA ASP B 344 25.67 6.48 -21.20
C ASP B 344 25.00 6.31 -19.83
N ARG B 345 23.82 6.86 -19.65
CA ARG B 345 23.19 6.95 -18.32
C ARG B 345 22.70 5.59 -17.81
N ILE B 346 22.26 4.69 -18.68
CA ILE B 346 21.89 3.34 -18.20
C ILE B 346 23.12 2.74 -17.51
N LYS B 347 24.24 2.75 -18.24
CA LYS B 347 25.56 2.20 -17.82
C LYS B 347 26.01 2.84 -16.50
N SER B 348 25.83 4.14 -16.36
CA SER B 348 26.21 4.83 -15.11
C SER B 348 25.30 4.36 -13.98
N ASN B 349 23.99 4.35 -14.22
CA ASN B 349 22.98 3.90 -13.23
C ASN B 349 23.24 2.45 -12.88
N ARG B 350 23.60 1.61 -13.86
CA ARG B 350 23.83 0.18 -13.55
C ARG B 350 24.92 0.04 -12.49
N ALA B 351 26.04 0.73 -12.68
CA ALA B 351 27.21 0.62 -11.80
C ALA B 351 26.85 1.22 -10.44
N GLN B 352 25.99 2.24 -10.40
CA GLN B 352 25.46 2.82 -9.13
C GLN B 352 24.62 1.75 -8.39
N TRP B 353 23.82 0.92 -9.09
CA TRP B 353 23.01 -0.15 -8.45
C TRP B 353 23.95 -1.19 -7.86
N GLU B 354 25.06 -1.49 -8.55
CA GLU B 354 26.07 -2.50 -8.11
C GLU B 354 26.77 -2.00 -6.84
N ARG B 355 26.96 -0.69 -6.71
CA ARG B 355 27.63 -0.04 -5.54
C ARG B 355 26.64 0.03 -4.37
N VAL B 356 25.33 0.06 -4.65
CA VAL B 356 24.26 0.00 -3.61
C VAL B 356 24.18 -1.45 -3.08
N LEU B 357 24.38 -2.47 -3.93
CA LEU B 357 24.39 -3.91 -3.51
C LEU B 357 25.49 -4.19 -2.48
N GLU B 358 26.77 -4.09 -2.91
CA GLU B 358 27.97 -4.64 -2.20
C GLU B 358 27.94 -4.35 -0.69
N THR B 359 27.44 -3.16 -0.29
CA THR B 359 27.27 -2.71 1.12
C THR B 359 26.31 -3.66 1.86
#